data_4HIJ
#
_entry.id   4HIJ
#
_cell.length_a   143.870
_cell.length_b   66.488
_cell.length_c   118.214
_cell.angle_alpha   90.00
_cell.angle_beta   111.58
_cell.angle_gamma   90.00
#
_symmetry.space_group_name_H-M   'C 1 2 1'
#
loop_
_entity.id
_entity.type
_entity.pdbx_description
1 polymer 'Fab 023.102 light chain'
2 polymer 'Fab 023.102 heavy chain'
3 branched 'alpha-L-rhamnopyranose-(1-2)-methyl beta-D-galactopyranoside'
4 non-polymer 'PHOSPHATE ION'
5 non-polymer GLYCEROL
6 water water
#
loop_
_entity_poly.entity_id
_entity_poly.type
_entity_poly.pdbx_seq_one_letter_code
_entity_poly.pdbx_strand_id
1 'polypeptide(L)'
;AGQLTQSPATLSLSPGERATLSCRASQSVTNYLAWYQQKPGQAPRLLIYGASNRATGIPARFSGSGSGTDFTLTISSLEP
EDFAVYYCQQRDNWPPDATFGQGTKVEIKRTVAAPSVFIFPPSDEQLKSGTASVVCLLNNFYPREAKVQWKVDNALQSGN
SQESVTEQDSKDSTYSLSSTLTLSKADYEKHKVYACEVTHQGLRSPVTKSFNRGECAAA
;
A,C
2 'polypeptide(L)'
;LINLVESGGGVVQPGRSLRLSCAASGFTFSRYGMHWVRQAPGKGLEWVAVVSSDGRTTYYADSVKGRFTISRDNSKNTLY
LQMNSLRAEDTAVFYCAKEGGDNKFSFDYWGQGTLVTVSSASTKGPSVFPLAPCSRSTSESTAALGCLVKDYFPEPVTVS
WNSGALTSGVHTFPAVLQSSGLYSLSSVVTVPSSNFGTQTYTCNVDHKPSNTKVDKTVERKCWARHHHHHH
;
B,D
#
# COMPACT_ATOMS: atom_id res chain seq x y z
N THR A 5 -6.09 19.31 -30.69
CA THR A 5 -6.41 18.44 -31.86
C THR A 5 -5.19 18.30 -32.76
N GLN A 6 -4.85 17.07 -33.11
CA GLN A 6 -3.71 16.85 -33.99
C GLN A 6 -4.24 16.23 -35.26
N SER A 7 -3.45 16.33 -36.32
CA SER A 7 -3.82 15.78 -37.62
C SER A 7 -2.71 16.00 -38.63
N PRO A 8 -2.64 15.12 -39.64
CA PRO A 8 -3.60 14.01 -39.76
C PRO A 8 -3.31 12.92 -38.72
N ALA A 9 -4.24 11.97 -38.56
CA ALA A 9 -4.08 10.87 -37.62
C ALA A 9 -2.87 10.03 -38.05
N THR A 10 -2.71 9.86 -39.36
CA THR A 10 -1.58 9.10 -39.86
C THR A 10 -0.92 9.76 -41.07
N LEU A 11 0.41 9.69 -41.09
CA LEU A 11 1.22 10.27 -42.15
C LEU A 11 2.06 9.18 -42.82
N SER A 12 1.64 8.73 -43.99
CA SER A 12 2.38 7.70 -44.71
C SER A 12 3.41 8.37 -45.63
N LEU A 13 4.67 8.37 -45.21
CA LEU A 13 5.74 8.94 -46.02
C LEU A 13 6.86 7.94 -46.21
N SER A 14 7.76 8.26 -47.14
CA SER A 14 8.90 7.41 -47.41
C SER A 14 10.07 8.12 -46.73
N PRO A 15 11.21 7.45 -46.58
CA PRO A 15 12.40 8.03 -45.95
C PRO A 15 12.92 9.12 -46.89
N GLY A 16 13.29 10.29 -46.36
CA GLY A 16 13.77 11.33 -47.26
C GLY A 16 12.72 12.35 -47.67
N GLU A 17 11.45 12.08 -47.35
CA GLU A 17 10.36 12.99 -47.67
C GLU A 17 10.20 13.98 -46.53
N ARG A 18 9.42 15.03 -46.77
CA ARG A 18 9.16 16.03 -45.74
C ARG A 18 7.85 15.66 -45.04
N ALA A 19 7.89 15.70 -43.71
CA ALA A 19 6.72 15.40 -42.91
C ALA A 19 6.26 16.68 -42.23
N THR A 20 4.99 17.04 -42.43
CA THR A 20 4.47 18.24 -41.82
C THR A 20 3.30 17.89 -40.92
N LEU A 21 3.43 18.12 -39.62
CA LEU A 21 2.31 17.82 -38.73
C LEU A 21 1.70 19.01 -38.02
N SER A 22 0.38 18.91 -37.84
CA SER A 22 -0.47 19.94 -37.27
C SER A 22 -1.04 19.73 -35.86
N CYS A 23 -1.17 20.83 -35.13
CA CYS A 23 -1.69 20.81 -33.78
C CYS A 23 -2.43 22.10 -33.50
N ARG A 24 -3.71 22.01 -33.17
CA ARG A 24 -4.46 23.21 -32.85
C ARG A 24 -4.61 23.30 -31.34
N ALA A 25 -4.09 24.38 -30.77
CA ALA A 25 -4.11 24.59 -29.33
C ALA A 25 -5.32 25.39 -28.82
N SER A 26 -5.24 25.82 -27.56
CA SER A 26 -6.28 26.62 -26.89
C SER A 26 -5.96 28.08 -27.17
N GLN A 27 -4.69 28.42 -27.00
CA GLN A 27 -4.19 29.76 -27.23
C GLN A 27 -3.13 29.75 -28.33
N SER A 28 -2.56 30.92 -28.58
CA SER A 28 -1.54 31.07 -29.59
C SER A 28 -0.28 31.42 -28.82
N VAL A 29 -0.40 31.44 -27.50
CA VAL A 29 0.74 31.76 -26.68
C VAL A 29 1.80 30.78 -27.17
N THR A 30 2.74 31.33 -27.93
CA THR A 30 3.86 30.58 -28.47
C THR A 30 4.53 29.76 -27.37
N ASN A 31 4.97 30.42 -26.31
CA ASN A 31 5.67 29.70 -25.23
C ASN A 31 5.04 28.49 -24.52
N TYR A 32 3.74 28.24 -24.67
CA TYR A 32 3.10 27.10 -23.97
C TYR A 32 2.99 25.81 -24.80
N LEU A 33 3.65 25.78 -25.96
CA LEU A 33 3.57 24.61 -26.83
C LEU A 33 4.84 23.74 -26.99
N ALA A 34 4.65 22.43 -26.99
CA ALA A 34 5.78 21.51 -27.15
C ALA A 34 5.43 20.27 -27.98
N TRP A 35 6.47 19.58 -28.43
CA TRP A 35 6.29 18.38 -29.25
C TRP A 35 7.14 17.24 -28.74
N TYR A 36 6.57 16.04 -28.80
CA TYR A 36 7.26 14.86 -28.35
C TYR A 36 7.24 13.77 -29.38
N GLN A 37 8.24 12.91 -29.27
CA GLN A 37 8.35 11.77 -30.14
C GLN A 37 8.25 10.59 -29.20
N GLN A 38 7.55 9.55 -29.61
CA GLN A 38 7.46 8.37 -28.78
C GLN A 38 7.37 7.13 -29.65
N LYS A 39 8.24 6.17 -29.33
CA LYS A 39 8.29 4.91 -30.04
C LYS A 39 7.67 3.85 -29.12
N PRO A 40 7.20 2.73 -29.69
CA PRO A 40 6.59 1.71 -28.84
C PRO A 40 7.49 1.22 -27.69
N GLY A 41 6.94 1.12 -26.49
CA GLY A 41 7.71 0.63 -25.36
C GLY A 41 8.67 1.60 -24.72
N GLN A 42 8.63 2.87 -25.12
CA GLN A 42 9.56 3.83 -24.54
C GLN A 42 8.88 5.12 -24.09
N ALA A 43 9.56 5.82 -23.19
CA ALA A 43 9.05 7.08 -22.66
C ALA A 43 9.15 8.19 -23.70
N PRO A 44 8.35 9.24 -23.56
CA PRO A 44 8.34 10.39 -24.47
C PRO A 44 9.68 11.11 -24.50
N ARG A 45 10.09 11.60 -25.66
CA ARG A 45 11.34 12.35 -25.79
C ARG A 45 10.96 13.73 -26.30
N LEU A 46 11.36 14.76 -25.55
CA LEU A 46 11.06 16.13 -25.91
C LEU A 46 11.82 16.51 -27.18
N LEU A 47 11.11 17.12 -28.12
CA LEU A 47 11.70 17.54 -29.39
C LEU A 47 11.85 19.05 -29.48
N ILE A 48 10.71 19.69 -29.29
CA ILE A 48 10.58 21.14 -29.43
C ILE A 48 9.92 21.76 -28.21
N TYR A 49 10.48 22.86 -27.72
CA TYR A 49 9.89 23.55 -26.57
C TYR A 49 9.67 25.01 -26.94
N GLY A 50 8.59 25.58 -26.42
CA GLY A 50 8.29 26.96 -26.72
C GLY A 50 7.89 27.14 -28.17
N ALA A 51 7.40 26.06 -28.76
CA ALA A 51 6.92 26.06 -30.13
C ALA A 51 7.94 26.18 -31.26
N SER A 52 9.13 26.72 -30.99
CA SER A 52 10.13 26.88 -32.06
C SER A 52 11.56 26.53 -31.65
N ASN A 53 11.74 26.16 -30.39
CA ASN A 53 13.07 25.84 -29.90
C ASN A 53 13.33 24.34 -29.83
N ARG A 54 14.49 23.94 -30.33
CA ARG A 54 14.86 22.53 -30.31
C ARG A 54 15.50 22.17 -28.98
N ALA A 55 15.02 21.09 -28.38
CA ALA A 55 15.55 20.65 -27.11
C ALA A 55 16.95 20.09 -27.31
N THR A 56 17.58 19.77 -26.20
CA THR A 56 18.94 19.24 -26.14
C THR A 56 19.10 17.91 -26.90
N GLY A 57 19.95 17.90 -27.93
CA GLY A 57 20.22 16.70 -28.72
C GLY A 57 19.33 16.45 -29.93
N ILE A 58 18.28 17.25 -30.11
CA ILE A 58 17.38 17.04 -31.24
C ILE A 58 17.95 17.63 -32.51
N PRO A 59 18.19 16.77 -33.51
CA PRO A 59 18.77 17.18 -34.80
C PRO A 59 18.06 18.35 -35.50
N ALA A 60 18.78 18.99 -36.42
CA ALA A 60 18.30 20.14 -37.18
C ALA A 60 17.11 19.87 -38.12
N ARG A 61 16.88 18.61 -38.47
CA ARG A 61 15.78 18.32 -39.39
C ARG A 61 14.41 18.55 -38.76
N PHE A 62 14.37 18.71 -37.45
CA PHE A 62 13.10 18.95 -36.75
C PHE A 62 12.93 20.46 -36.57
N SER A 63 11.80 20.99 -36.98
CA SER A 63 11.53 22.42 -36.88
C SER A 63 10.08 22.64 -36.44
N GLY A 64 9.77 23.80 -35.86
CA GLY A 64 8.42 24.08 -35.42
C GLY A 64 8.10 25.57 -35.45
N SER A 65 6.82 25.89 -35.46
CA SER A 65 6.36 27.28 -35.52
C SER A 65 4.85 27.33 -35.25
N GLY A 66 4.33 28.49 -34.88
CA GLY A 66 2.90 28.59 -34.63
C GLY A 66 2.28 29.75 -35.37
N SER A 67 1.13 29.53 -36.00
CA SER A 67 0.29 30.48 -36.71
C SER A 67 -1.15 30.58 -36.28
N GLY A 68 -1.35 31.46 -35.31
CA GLY A 68 -2.63 31.63 -34.63
C GLY A 68 -2.75 30.62 -33.51
N THR A 69 -3.64 29.66 -33.72
CA THR A 69 -3.81 28.51 -32.83
C THR A 69 -3.39 27.21 -33.50
N ASP A 70 -2.67 27.31 -34.61
CA ASP A 70 -2.23 26.09 -35.30
C ASP A 70 -0.71 25.98 -35.32
N PHE A 71 -0.18 24.99 -34.60
CA PHE A 71 1.24 24.78 -34.53
C PHE A 71 1.59 23.66 -35.49
N THR A 72 2.69 23.85 -36.20
CA THR A 72 3.16 22.88 -37.15
C THR A 72 4.55 22.41 -36.77
N LEU A 73 4.76 21.11 -36.88
CA LEU A 73 6.05 20.51 -36.60
C LEU A 73 6.50 20.00 -37.95
N THR A 74 7.73 20.33 -38.34
CA THR A 74 8.24 19.91 -39.63
C THR A 74 9.45 18.98 -39.56
N ILE A 75 9.40 17.91 -40.35
CA ILE A 75 10.52 16.99 -40.43
C ILE A 75 10.99 17.14 -41.87
N SER A 76 11.95 18.06 -42.07
CA SER A 76 12.53 18.39 -43.37
C SER A 76 12.83 17.18 -44.26
N SER A 77 13.40 16.14 -43.67
CA SER A 77 13.73 14.94 -44.41
C SER A 77 13.74 13.79 -43.41
N LEU A 78 12.75 12.92 -43.55
CA LEU A 78 12.57 11.77 -42.68
C LEU A 78 13.71 10.76 -42.75
N GLU A 79 14.22 10.41 -41.58
CA GLU A 79 15.26 9.42 -41.49
C GLU A 79 14.48 8.21 -40.95
N PRO A 80 15.08 7.01 -40.94
CA PRO A 80 14.52 5.74 -40.49
C PRO A 80 14.03 5.68 -39.04
N GLU A 81 14.70 6.44 -38.17
CA GLU A 81 14.33 6.47 -36.75
C GLU A 81 13.20 7.47 -36.46
N ASP A 82 12.76 8.17 -37.49
CA ASP A 82 11.71 9.16 -37.34
C ASP A 82 10.30 8.61 -37.41
N PHE A 83 10.16 7.35 -37.79
CA PHE A 83 8.82 6.75 -37.87
C PHE A 83 8.40 6.36 -36.47
N ALA A 84 7.66 7.25 -35.85
CA ALA A 84 7.16 7.04 -34.50
C ALA A 84 5.86 7.81 -34.35
N VAL A 85 5.46 8.03 -33.11
CA VAL A 85 4.24 8.76 -32.85
C VAL A 85 4.62 10.12 -32.27
N TYR A 86 3.97 11.17 -32.77
CA TYR A 86 4.24 12.51 -32.30
C TYR A 86 3.03 13.16 -31.65
N TYR A 87 3.27 13.78 -30.51
CA TYR A 87 2.23 14.46 -29.75
C TYR A 87 2.64 15.90 -29.56
N CYS A 88 1.64 16.75 -29.48
CA CYS A 88 1.94 18.13 -29.20
C CYS A 88 1.48 18.29 -27.77
N GLN A 89 1.90 19.34 -27.11
CA GLN A 89 1.50 19.47 -25.73
C GLN A 89 1.34 20.91 -25.35
N GLN A 90 0.57 21.13 -24.29
CA GLN A 90 0.29 22.47 -23.84
C GLN A 90 0.06 22.56 -22.33
N ARG A 91 0.55 23.65 -21.75
CA ARG A 91 0.43 23.93 -20.32
C ARG A 91 0.86 25.35 -20.11
N ASP A 92 0.14 26.07 -19.27
CA ASP A 92 0.54 27.43 -19.01
C ASP A 92 0.90 27.62 -17.54
N ASN A 93 0.61 28.79 -16.98
CA ASN A 93 0.95 29.02 -15.59
C ASN A 93 -0.06 28.52 -14.59
N TRP A 94 -1.26 29.11 -14.63
CA TRP A 94 -2.34 28.72 -13.74
C TRP A 94 -3.72 28.84 -14.39
N PRO A 95 -4.54 27.78 -14.27
CA PRO A 95 -4.16 26.54 -13.56
C PRO A 95 -3.06 25.77 -14.34
N PRO A 96 -2.17 25.02 -13.62
CA PRO A 96 -1.01 24.18 -14.01
C PRO A 96 -1.13 22.91 -14.89
N ASP A 97 -2.33 22.35 -15.05
CA ASP A 97 -2.49 21.13 -15.85
C ASP A 97 -1.98 21.20 -17.28
N ALA A 98 -1.49 20.05 -17.76
CA ALA A 98 -1.01 19.94 -19.12
C ALA A 98 -2.11 19.21 -19.89
N THR A 99 -2.09 19.38 -21.20
CA THR A 99 -3.06 18.72 -22.06
C THR A 99 -2.18 18.21 -23.18
N PHE A 100 -2.54 17.07 -23.74
CA PHE A 100 -1.77 16.50 -24.83
C PHE A 100 -2.63 16.37 -26.09
N GLY A 101 -1.98 16.52 -27.24
CA GLY A 101 -2.69 16.33 -28.50
C GLY A 101 -2.92 14.83 -28.48
N GLN A 102 -3.84 14.29 -29.27
CA GLN A 102 -4.06 12.84 -29.24
C GLN A 102 -3.08 12.05 -30.10
N GLY A 103 -2.10 12.74 -30.69
CA GLY A 103 -1.08 12.07 -31.49
C GLY A 103 -1.23 11.82 -32.99
N THR A 104 -0.11 11.96 -33.70
CA THR A 104 -0.04 11.74 -35.14
C THR A 104 1.03 10.68 -35.33
N LYS A 105 0.72 9.68 -36.15
CA LYS A 105 1.66 8.61 -36.40
C LYS A 105 2.32 8.73 -37.76
N VAL A 106 3.66 8.73 -37.77
CA VAL A 106 4.38 8.79 -39.01
C VAL A 106 4.70 7.36 -39.38
N GLU A 107 4.03 6.95 -40.46
CA GLU A 107 4.05 5.62 -40.99
C GLU A 107 4.87 5.48 -42.28
N ILE A 108 5.42 4.29 -42.51
CA ILE A 108 6.23 4.03 -43.70
C ILE A 108 5.34 3.72 -44.90
N LYS A 109 5.43 4.55 -45.92
CA LYS A 109 4.63 4.34 -47.11
C LYS A 109 5.20 3.16 -47.87
N ARG A 110 4.30 2.38 -48.42
CA ARG A 110 4.64 1.17 -49.14
C ARG A 110 3.61 1.02 -50.28
N THR A 111 3.73 -0.01 -51.11
CA THR A 111 2.75 -0.19 -52.18
C THR A 111 1.59 -0.97 -51.59
N VAL A 112 0.44 -0.85 -52.22
CA VAL A 112 -0.75 -1.52 -51.77
C VAL A 112 -0.59 -3.03 -51.87
N ALA A 113 -1.05 -3.73 -50.85
CA ALA A 113 -0.95 -5.17 -50.86
C ALA A 113 -2.20 -5.76 -50.22
N ALA A 114 -2.96 -6.55 -50.98
CA ALA A 114 -4.17 -7.17 -50.47
C ALA A 114 -3.79 -8.23 -49.44
N PRO A 115 -4.58 -8.38 -48.36
CA PRO A 115 -4.31 -9.38 -47.31
C PRO A 115 -4.75 -10.78 -47.78
N SER A 116 -3.96 -11.81 -47.48
CA SER A 116 -4.34 -13.19 -47.83
C SER A 116 -5.09 -13.58 -46.56
N VAL A 117 -6.32 -14.03 -46.73
CA VAL A 117 -7.16 -14.37 -45.59
C VAL A 117 -7.32 -15.84 -45.22
N PHE A 118 -7.30 -16.10 -43.92
CA PHE A 118 -7.40 -17.45 -43.36
C PHE A 118 -8.44 -17.49 -42.24
N ILE A 119 -9.30 -18.50 -42.25
CA ILE A 119 -10.29 -18.61 -41.17
C ILE A 119 -10.02 -19.89 -40.41
N PHE A 120 -10.01 -19.78 -39.07
CA PHE A 120 -9.72 -20.93 -38.21
C PHE A 120 -10.88 -21.34 -37.30
N PRO A 121 -11.38 -22.57 -37.44
CA PRO A 121 -12.48 -23.10 -36.64
C PRO A 121 -12.01 -23.35 -35.21
N PRO A 122 -12.93 -23.39 -34.24
CA PRO A 122 -12.48 -23.65 -32.87
C PRO A 122 -11.91 -25.06 -32.85
N SER A 123 -10.80 -25.25 -32.14
CA SER A 123 -10.16 -26.56 -32.08
C SER A 123 -11.01 -27.48 -31.21
N ASP A 124 -10.89 -28.79 -31.44
CA ASP A 124 -11.64 -29.74 -30.64
C ASP A 124 -11.21 -29.63 -29.17
N GLU A 125 -9.98 -29.15 -28.96
CA GLU A 125 -9.42 -29.00 -27.61
C GLU A 125 -10.18 -28.02 -26.73
N GLN A 126 -10.42 -26.81 -27.26
CA GLN A 126 -11.13 -25.77 -26.54
C GLN A 126 -12.62 -26.09 -26.37
N LEU A 127 -13.20 -26.80 -27.33
CA LEU A 127 -14.61 -27.16 -27.27
C LEU A 127 -14.90 -28.12 -26.12
N LYS A 128 -13.93 -28.96 -25.81
CA LYS A 128 -14.07 -29.90 -24.70
C LYS A 128 -13.88 -29.12 -23.41
N SER A 129 -13.39 -27.88 -23.52
CA SER A 129 -13.16 -27.07 -22.34
C SER A 129 -14.34 -26.12 -22.05
N GLY A 130 -15.27 -26.02 -22.99
CA GLY A 130 -16.44 -25.17 -22.79
C GLY A 130 -16.60 -23.90 -23.63
N THR A 131 -15.59 -23.55 -24.40
CA THR A 131 -15.68 -22.34 -25.23
C THR A 131 -15.48 -22.62 -26.72
N ALA A 132 -15.57 -21.54 -27.50
CA ALA A 132 -15.41 -21.57 -28.93
C ALA A 132 -14.85 -20.24 -29.41
N SER A 133 -13.64 -20.28 -29.96
CA SER A 133 -13.00 -19.10 -30.50
C SER A 133 -12.83 -19.32 -31.99
N VAL A 134 -13.34 -18.40 -32.79
CA VAL A 134 -13.21 -18.51 -34.23
C VAL A 134 -12.25 -17.39 -34.56
N VAL A 135 -11.16 -17.74 -35.23
CA VAL A 135 -10.14 -16.75 -35.56
C VAL A 135 -10.04 -16.39 -37.04
N CYS A 136 -9.87 -15.09 -37.30
CA CYS A 136 -9.71 -14.61 -38.68
C CYS A 136 -8.39 -13.90 -38.87
N LEU A 137 -7.58 -14.47 -39.75
CA LEU A 137 -6.27 -13.91 -40.03
C LEU A 137 -6.18 -13.16 -41.37
N LEU A 138 -5.75 -11.91 -41.31
CA LEU A 138 -5.54 -11.07 -42.49
C LEU A 138 -4.03 -10.87 -42.49
N ASN A 139 -3.33 -11.51 -43.42
CA ASN A 139 -1.88 -11.46 -43.45
C ASN A 139 -1.24 -10.52 -44.48
N ASN A 140 -0.17 -9.87 -44.03
CA ASN A 140 0.63 -8.94 -44.82
C ASN A 140 -0.12 -8.06 -45.82
N PHE A 141 -0.85 -7.09 -45.28
CA PHE A 141 -1.59 -6.17 -46.12
C PHE A 141 -1.14 -4.73 -45.90
N TYR A 142 -1.48 -3.87 -46.86
CA TYR A 142 -1.16 -2.45 -46.80
C TYR A 142 -2.11 -1.73 -47.75
N PRO A 143 -2.65 -0.57 -47.32
CA PRO A 143 -2.40 0.07 -46.03
C PRO A 143 -3.15 -0.57 -44.84
N ARG A 144 -2.90 -0.04 -43.65
CA ARG A 144 -3.48 -0.48 -42.39
C ARG A 144 -5.02 -0.69 -42.37
N GLU A 145 -5.78 0.31 -42.84
CA GLU A 145 -7.25 0.23 -42.85
C GLU A 145 -7.84 -1.04 -43.47
N ALA A 146 -8.61 -1.79 -42.69
CA ALA A 146 -9.22 -3.02 -43.18
C ALA A 146 -10.42 -3.28 -42.28
N LYS A 147 -11.50 -3.77 -42.88
CA LYS A 147 -12.72 -4.06 -42.15
C LYS A 147 -13.04 -5.55 -42.21
N VAL A 148 -13.26 -6.16 -41.07
CA VAL A 148 -13.60 -7.58 -41.00
C VAL A 148 -15.02 -7.67 -40.47
N GLN A 149 -15.85 -8.44 -41.15
CA GLN A 149 -17.24 -8.63 -40.75
C GLN A 149 -17.46 -10.12 -40.50
N TRP A 150 -17.85 -10.45 -39.28
CA TRP A 150 -18.11 -11.84 -38.91
C TRP A 150 -19.52 -12.29 -39.25
N LYS A 151 -19.64 -13.54 -39.70
CA LYS A 151 -20.93 -14.08 -40.09
C LYS A 151 -21.28 -15.47 -39.53
N VAL A 152 -22.49 -15.59 -39.01
CA VAL A 152 -22.93 -16.89 -38.48
C VAL A 152 -24.31 -17.20 -39.05
N ASP A 153 -24.31 -18.16 -39.95
CA ASP A 153 -25.53 -18.58 -40.61
C ASP A 153 -26.22 -17.35 -41.20
N ASN A 154 -25.42 -16.48 -41.80
CA ASN A 154 -25.93 -15.26 -42.42
C ASN A 154 -26.22 -14.14 -41.43
N ALA A 155 -26.06 -14.40 -40.14
CA ALA A 155 -26.32 -13.36 -39.17
C ALA A 155 -25.05 -12.55 -38.89
N LEU A 156 -25.18 -11.25 -39.11
CA LEU A 156 -24.15 -10.25 -38.91
C LEU A 156 -23.82 -10.17 -37.42
N GLN A 157 -22.57 -10.39 -37.05
CA GLN A 157 -22.13 -10.36 -35.66
C GLN A 157 -21.65 -8.97 -35.24
N SER A 158 -22.03 -8.53 -34.04
CA SER A 158 -21.63 -7.22 -33.55
C SER A 158 -21.45 -7.19 -32.03
N GLY A 159 -20.22 -6.90 -31.61
CA GLY A 159 -19.92 -6.82 -30.18
C GLY A 159 -19.36 -8.06 -29.53
N ASN A 160 -19.22 -9.13 -30.31
CA ASN A 160 -18.70 -10.39 -29.79
C ASN A 160 -17.35 -10.77 -30.41
N SER A 161 -16.65 -9.80 -30.98
CA SER A 161 -15.35 -10.10 -31.60
C SER A 161 -14.33 -9.03 -31.21
N GLN A 162 -13.06 -9.40 -31.23
CA GLN A 162 -11.97 -8.49 -30.90
C GLN A 162 -10.85 -8.72 -31.88
N GLU A 163 -10.14 -7.65 -32.22
CA GLU A 163 -9.07 -7.77 -33.18
C GLU A 163 -7.85 -7.02 -32.69
N SER A 164 -6.69 -7.35 -33.22
CA SER A 164 -5.46 -6.67 -32.83
C SER A 164 -4.58 -6.73 -34.06
N VAL A 165 -3.70 -5.75 -34.19
CA VAL A 165 -2.82 -5.65 -35.34
C VAL A 165 -1.36 -5.58 -34.96
N THR A 166 -0.50 -6.10 -35.82
CA THR A 166 0.93 -6.07 -35.58
C THR A 166 1.49 -4.73 -36.03
N GLU A 167 2.72 -4.46 -35.62
CA GLU A 167 3.40 -3.24 -36.01
C GLU A 167 3.78 -3.50 -37.45
N GLN A 168 4.10 -2.44 -38.16
CA GLN A 168 4.50 -2.54 -39.54
C GLN A 168 5.72 -3.45 -39.58
N ASP A 169 5.68 -4.47 -40.42
CA ASP A 169 6.78 -5.42 -40.56
C ASP A 169 8.07 -4.70 -40.93
N SER A 170 9.18 -5.11 -40.32
CA SER A 170 10.49 -4.50 -40.59
C SER A 170 11.07 -4.84 -41.98
N LYS A 171 10.76 -6.02 -42.52
CA LYS A 171 11.25 -6.39 -43.85
C LYS A 171 10.38 -5.85 -45.01
N ASP A 172 9.07 -6.08 -44.94
CA ASP A 172 8.17 -5.62 -46.01
C ASP A 172 7.25 -4.44 -45.66
N SER A 173 7.25 -3.98 -44.41
CA SER A 173 6.44 -2.84 -43.98
C SER A 173 4.93 -3.04 -44.09
N THR A 174 4.46 -4.28 -44.09
CA THR A 174 3.02 -4.53 -44.16
C THR A 174 2.44 -4.71 -42.76
N TYR A 175 1.17 -5.06 -42.72
CA TYR A 175 0.45 -5.26 -41.48
C TYR A 175 -0.22 -6.62 -41.51
N SER A 176 -0.48 -7.14 -40.33
CA SER A 176 -1.17 -8.41 -40.20
C SER A 176 -2.20 -8.17 -39.12
N LEU A 177 -3.38 -8.74 -39.29
CA LEU A 177 -4.45 -8.54 -38.33
C LEU A 177 -5.16 -9.85 -37.96
N SER A 178 -5.54 -9.96 -36.70
CA SER A 178 -6.22 -11.16 -36.23
C SER A 178 -7.53 -10.75 -35.57
N SER A 179 -8.61 -11.40 -35.96
CA SER A 179 -9.92 -11.12 -35.40
C SER A 179 -10.47 -12.41 -34.80
N THR A 180 -10.76 -12.38 -33.52
CA THR A 180 -11.28 -13.54 -32.82
C THR A 180 -12.75 -13.35 -32.46
N LEU A 181 -13.58 -14.29 -32.86
CA LEU A 181 -15.01 -14.26 -32.58
C LEU A 181 -15.29 -15.20 -31.41
N THR A 182 -15.83 -14.66 -30.32
CA THR A 182 -16.13 -15.46 -29.15
C THR A 182 -17.60 -15.84 -29.10
N LEU A 183 -17.86 -17.12 -29.07
CA LEU A 183 -19.21 -17.64 -28.98
C LEU A 183 -19.20 -18.65 -27.84
N SER A 184 -20.35 -18.88 -27.23
CA SER A 184 -20.40 -19.88 -26.19
C SER A 184 -20.45 -21.16 -27.01
N LYS A 185 -19.95 -22.24 -26.44
CA LYS A 185 -19.90 -23.53 -27.11
C LYS A 185 -21.23 -24.03 -27.69
N ALA A 186 -22.28 -24.03 -26.86
CA ALA A 186 -23.62 -24.47 -27.28
C ALA A 186 -24.16 -23.58 -28.41
N ASP A 187 -23.75 -22.32 -28.42
CA ASP A 187 -24.18 -21.38 -29.45
C ASP A 187 -23.50 -21.78 -30.72
N TYR A 188 -22.19 -21.96 -30.58
CA TYR A 188 -21.35 -22.40 -31.68
C TYR A 188 -21.91 -23.69 -32.26
N GLU A 189 -22.26 -24.62 -31.39
CA GLU A 189 -22.78 -25.92 -31.81
C GLU A 189 -24.14 -25.91 -32.50
N LYS A 190 -24.87 -24.81 -32.44
CA LYS A 190 -26.18 -24.78 -33.09
C LYS A 190 -26.26 -23.95 -34.36
N HIS A 191 -25.12 -23.57 -34.92
CA HIS A 191 -25.10 -22.84 -36.18
C HIS A 191 -24.14 -23.57 -37.08
N LYS A 192 -24.24 -23.30 -38.37
CA LYS A 192 -23.45 -24.03 -39.34
C LYS A 192 -22.34 -23.31 -40.09
N VAL A 193 -22.67 -22.19 -40.73
CA VAL A 193 -21.71 -21.45 -41.53
C VAL A 193 -21.06 -20.27 -40.80
N TYR A 194 -19.72 -20.28 -40.75
CA TYR A 194 -18.97 -19.22 -40.10
C TYR A 194 -18.06 -18.58 -41.16
N ALA A 195 -18.04 -17.26 -41.19
CA ALA A 195 -17.24 -16.59 -42.20
C ALA A 195 -16.71 -15.21 -41.87
N CYS A 196 -15.46 -14.98 -42.21
CA CYS A 196 -15.03 -13.65 -42.02
C CYS A 196 -14.95 -13.06 -43.39
N GLU A 197 -15.65 -11.95 -43.56
CA GLU A 197 -15.68 -11.25 -44.83
C GLU A 197 -14.75 -10.07 -44.67
N VAL A 198 -13.79 -9.93 -45.57
CA VAL A 198 -12.86 -8.83 -45.45
C VAL A 198 -12.89 -7.79 -46.55
N THR A 199 -12.84 -6.53 -46.13
CA THR A 199 -12.85 -5.42 -47.05
C THR A 199 -11.51 -4.71 -46.96
N HIS A 200 -10.84 -4.57 -48.09
CA HIS A 200 -9.56 -3.89 -48.11
C HIS A 200 -9.30 -3.28 -49.49
N GLN A 201 -8.48 -2.24 -49.49
CA GLN A 201 -8.14 -1.51 -50.71
C GLN A 201 -7.55 -2.36 -51.83
N GLY A 202 -6.71 -3.32 -51.45
CA GLY A 202 -6.09 -4.17 -52.45
C GLY A 202 -7.06 -5.16 -53.05
N LEU A 203 -8.24 -5.26 -52.46
CA LEU A 203 -9.28 -6.18 -52.93
C LEU A 203 -10.27 -5.38 -53.78
N ARG A 204 -10.50 -5.76 -55.04
CA ARG A 204 -11.46 -5.02 -55.88
C ARG A 204 -12.89 -5.21 -55.38
N SER A 205 -13.15 -6.35 -54.74
CA SER A 205 -14.47 -6.64 -54.17
C SER A 205 -14.18 -7.44 -52.89
N PRO A 206 -15.12 -7.46 -51.93
CA PRO A 206 -14.93 -8.19 -50.67
C PRO A 206 -14.63 -9.69 -50.82
N VAL A 207 -13.82 -10.21 -49.91
CA VAL A 207 -13.44 -11.62 -49.92
C VAL A 207 -13.89 -12.22 -48.61
N THR A 208 -14.50 -13.40 -48.65
CA THR A 208 -14.90 -14.03 -47.40
C THR A 208 -14.45 -15.48 -47.38
N LYS A 209 -13.89 -15.87 -46.24
CA LYS A 209 -13.43 -17.24 -46.01
C LYS A 209 -14.49 -17.80 -45.10
N SER A 210 -14.86 -19.06 -45.27
CA SER A 210 -15.88 -19.63 -44.42
C SER A 210 -15.73 -21.12 -44.31
N PHE A 211 -16.37 -21.68 -43.31
CA PHE A 211 -16.33 -23.11 -43.10
C PHE A 211 -17.64 -23.52 -42.50
N ASN A 212 -17.93 -24.82 -42.59
CA ASN A 212 -19.15 -25.41 -42.05
C ASN A 212 -18.80 -26.19 -40.78
N ARG A 213 -19.53 -25.95 -39.70
CA ARG A 213 -19.24 -26.69 -38.49
C ARG A 213 -19.54 -28.17 -38.75
N ILE B 2 21.25 14.08 -15.20
CA ILE B 2 19.76 14.19 -15.17
C ILE B 2 19.14 12.80 -15.31
N ASN B 3 18.52 12.32 -14.24
CA ASN B 3 17.88 11.00 -14.29
C ASN B 3 16.69 10.93 -13.36
N LEU B 4 15.81 10.01 -13.70
CA LEU B 4 14.61 9.74 -12.95
C LEU B 4 14.31 8.24 -13.02
N VAL B 5 14.24 7.61 -11.86
CA VAL B 5 13.94 6.19 -11.82
C VAL B 5 12.63 5.93 -11.08
N GLU B 6 11.71 5.26 -11.75
CA GLU B 6 10.42 4.95 -11.14
C GLU B 6 10.34 3.53 -10.62
N SER B 7 9.42 3.36 -9.68
CA SER B 7 9.19 2.09 -9.04
C SER B 7 7.85 2.19 -8.29
N GLY B 8 7.28 1.05 -7.92
CA GLY B 8 6.00 1.03 -7.23
C GLY B 8 4.86 0.44 -8.05
N GLY B 9 5.03 0.40 -9.38
CA GLY B 9 3.98 -0.16 -10.22
C GLY B 9 3.72 -1.60 -9.83
N GLY B 10 2.49 -2.06 -10.00
CA GLY B 10 2.16 -3.43 -9.65
C GLY B 10 0.74 -3.84 -10.02
N VAL B 11 0.50 -5.15 -9.97
CA VAL B 11 -0.81 -5.66 -10.29
C VAL B 11 -1.62 -5.58 -9.00
N VAL B 12 -2.75 -4.93 -9.08
CA VAL B 12 -3.57 -4.74 -7.91
C VAL B 12 -5.04 -4.92 -8.22
N GLN B 13 -5.80 -5.24 -7.18
CA GLN B 13 -7.23 -5.40 -7.31
C GLN B 13 -7.85 -4.03 -7.09
N PRO B 14 -9.06 -3.80 -7.64
CA PRO B 14 -9.70 -2.50 -7.45
C PRO B 14 -9.98 -2.20 -5.97
N GLY B 15 -9.77 -0.95 -5.56
CA GLY B 15 -9.98 -0.58 -4.17
C GLY B 15 -8.72 -0.60 -3.34
N ARG B 16 -7.67 -1.22 -3.88
CA ARG B 16 -6.39 -1.31 -3.19
C ARG B 16 -5.62 -0.02 -3.40
N SER B 17 -4.40 0.03 -2.87
CA SER B 17 -3.56 1.21 -3.05
C SER B 17 -2.16 0.84 -3.53
N LEU B 18 -1.55 1.81 -4.20
CA LEU B 18 -0.21 1.65 -4.72
C LEU B 18 0.45 2.98 -4.46
N ARG B 19 1.76 2.95 -4.31
CA ARG B 19 2.51 4.17 -4.14
C ARG B 19 3.61 4.05 -5.17
N LEU B 20 3.72 5.06 -6.00
CA LEU B 20 4.73 5.10 -7.04
C LEU B 20 5.87 5.99 -6.58
N SER B 21 7.06 5.68 -7.05
CA SER B 21 8.21 6.48 -6.69
C SER B 21 8.97 6.82 -7.95
N CYS B 22 9.70 7.92 -7.88
CA CYS B 22 10.46 8.43 -8.98
C CYS B 22 11.57 9.23 -8.33
N ALA B 23 12.76 8.63 -8.26
CA ALA B 23 13.91 9.28 -7.65
C ALA B 23 14.67 10.04 -8.74
N ALA B 24 15.12 11.26 -8.41
CA ALA B 24 15.84 12.09 -9.37
C ALA B 24 17.32 12.31 -9.05
N SER B 25 18.16 12.36 -10.09
CA SER B 25 19.60 12.59 -9.94
C SER B 25 20.14 13.41 -11.15
N GLY B 26 21.09 14.32 -10.94
CA GLY B 26 21.66 15.06 -12.07
C GLY B 26 21.34 16.53 -12.31
N PHE B 27 20.49 17.09 -11.46
CA PHE B 27 20.08 18.49 -11.54
C PHE B 27 19.56 18.52 -10.13
N THR B 28 19.37 19.67 -9.51
CA THR B 28 18.85 19.52 -8.18
C THR B 28 17.34 19.64 -8.12
N PHE B 29 16.77 18.52 -7.71
CA PHE B 29 15.35 18.30 -7.54
C PHE B 29 14.48 19.46 -7.07
N SER B 30 14.87 20.05 -5.94
CA SER B 30 14.13 21.17 -5.32
C SER B 30 13.93 22.41 -6.17
N ARG B 31 14.63 22.48 -7.31
CA ARG B 31 14.55 23.65 -8.17
C ARG B 31 13.41 23.60 -9.21
N TYR B 32 12.95 22.40 -9.55
CA TYR B 32 11.89 22.23 -10.54
C TYR B 32 10.62 21.57 -10.05
N GLY B 33 9.53 21.85 -10.74
CA GLY B 33 8.26 21.26 -10.40
C GLY B 33 8.21 19.90 -11.08
N MET B 34 7.43 18.97 -10.53
CA MET B 34 7.35 17.64 -11.13
C MET B 34 5.92 17.16 -11.41
N HIS B 35 5.77 16.30 -12.42
CA HIS B 35 4.46 15.77 -12.81
C HIS B 35 4.42 14.27 -13.02
N TRP B 36 3.19 13.77 -13.13
CA TRP B 36 2.95 12.37 -13.41
C TRP B 36 2.06 12.39 -14.63
N VAL B 37 2.46 11.64 -15.64
CA VAL B 37 1.71 11.57 -16.87
C VAL B 37 1.42 10.09 -17.13
N ARG B 38 0.17 9.74 -17.32
CA ARG B 38 -0.14 8.34 -17.57
C ARG B 38 -0.47 8.06 -19.02
N GLN B 39 -0.28 6.81 -19.41
CA GLN B 39 -0.57 6.39 -20.75
C GLN B 39 -1.25 5.04 -20.71
N ALA B 40 -2.55 5.02 -20.95
CA ALA B 40 -3.32 3.79 -20.96
C ALA B 40 -2.91 2.99 -22.21
N PRO B 41 -3.17 1.68 -22.21
CA PRO B 41 -2.86 0.71 -23.29
C PRO B 41 -3.53 1.03 -24.65
N GLY B 42 -2.78 1.58 -25.59
CA GLY B 42 -3.37 1.91 -26.88
C GLY B 42 -3.92 3.32 -26.92
N LYS B 43 -3.52 4.13 -25.95
CA LYS B 43 -4.01 5.50 -25.87
C LYS B 43 -2.86 6.51 -25.86
N GLY B 44 -3.20 7.78 -25.70
CA GLY B 44 -2.18 8.83 -25.71
C GLY B 44 -1.73 9.27 -24.33
N LEU B 45 -0.79 10.22 -24.31
CA LEU B 45 -0.26 10.75 -23.07
C LEU B 45 -1.43 11.43 -22.39
N GLU B 46 -1.56 11.21 -21.09
CA GLU B 46 -2.65 11.80 -20.34
C GLU B 46 -2.06 12.36 -19.06
N TRP B 47 -2.22 13.65 -18.88
CA TRP B 47 -1.69 14.32 -17.71
C TRP B 47 -2.42 13.90 -16.43
N VAL B 48 -1.66 13.75 -15.35
CA VAL B 48 -2.22 13.32 -14.06
C VAL B 48 -2.17 14.34 -12.94
N ALA B 49 -0.98 14.79 -12.58
CA ALA B 49 -0.85 15.76 -11.52
C ALA B 49 0.53 16.38 -11.50
N VAL B 50 0.69 17.44 -10.73
CA VAL B 50 1.96 18.11 -10.61
C VAL B 50 2.11 18.57 -9.18
N VAL B 51 3.35 18.77 -8.78
CA VAL B 51 3.61 19.26 -7.45
C VAL B 51 4.64 20.36 -7.65
N SER B 52 4.47 21.45 -6.92
CA SER B 52 5.35 22.60 -7.02
C SER B 52 6.74 22.27 -6.51
N SER B 53 7.69 23.07 -6.97
CA SER B 53 9.10 22.97 -6.61
C SER B 53 9.31 22.78 -5.10
N ASP B 54 8.75 23.68 -4.30
CA ASP B 54 8.88 23.63 -2.85
C ASP B 54 7.95 22.60 -2.17
N GLY B 55 7.13 21.91 -2.98
CA GLY B 55 6.24 20.87 -2.47
C GLY B 55 4.95 21.26 -1.78
N ARG B 56 4.59 22.54 -1.83
CA ARG B 56 3.38 22.94 -1.13
C ARG B 56 2.08 23.10 -1.91
N THR B 57 2.14 23.28 -3.22
CA THR B 57 0.89 23.39 -3.97
C THR B 57 0.84 22.29 -5.00
N THR B 58 -0.21 21.49 -4.91
CA THR B 58 -0.39 20.41 -5.83
C THR B 58 -1.56 20.74 -6.73
N TYR B 59 -1.78 19.87 -7.68
CA TYR B 59 -2.89 20.06 -8.60
C TYR B 59 -3.19 18.73 -9.27
N TYR B 60 -4.47 18.45 -9.47
CA TYR B 60 -4.82 17.17 -10.08
C TYR B 60 -5.79 17.20 -11.23
N ALA B 61 -5.74 16.13 -12.00
CA ALA B 61 -6.65 15.95 -13.11
C ALA B 61 -7.93 15.51 -12.42
N ASP B 62 -9.08 15.86 -13.00
CA ASP B 62 -10.39 15.52 -12.46
C ASP B 62 -10.59 14.06 -12.11
N SER B 63 -10.17 13.18 -13.00
CA SER B 63 -10.35 11.75 -12.80
C SER B 63 -9.61 11.10 -11.62
N VAL B 64 -8.70 11.82 -10.98
CA VAL B 64 -7.97 11.24 -9.85
C VAL B 64 -8.08 12.06 -8.56
N LYS B 65 -8.73 13.22 -8.61
CA LYS B 65 -8.86 14.05 -7.41
C LYS B 65 -9.58 13.32 -6.27
N GLY B 66 -9.02 13.44 -5.07
CA GLY B 66 -9.60 12.80 -3.90
C GLY B 66 -9.07 11.40 -3.74
N ARG B 67 -8.48 10.88 -4.79
CA ARG B 67 -7.97 9.53 -4.75
C ARG B 67 -6.46 9.43 -4.77
N PHE B 68 -5.80 10.16 -5.67
CA PHE B 68 -4.35 10.13 -5.74
C PHE B 68 -3.85 11.41 -5.12
N THR B 69 -2.70 11.34 -4.46
CA THR B 69 -2.13 12.53 -3.89
C THR B 69 -0.68 12.53 -4.28
N ILE B 70 -0.23 13.65 -4.83
CA ILE B 70 1.14 13.79 -5.28
C ILE B 70 1.90 14.54 -4.21
N SER B 71 3.17 14.18 -4.02
CA SER B 71 3.99 14.82 -3.02
C SER B 71 5.46 14.59 -3.31
N ARG B 72 6.33 15.20 -2.53
CA ARG B 72 7.75 15.02 -2.74
C ARG B 72 8.54 15.25 -1.49
N ASP B 73 9.71 14.64 -1.47
CA ASP B 73 10.66 14.78 -0.38
C ASP B 73 11.90 15.32 -1.07
N ASN B 74 12.10 16.64 -1.02
CA ASN B 74 13.27 17.25 -1.66
C ASN B 74 14.56 16.75 -1.04
N SER B 75 14.58 16.61 0.28
CA SER B 75 15.76 16.11 0.97
C SER B 75 16.28 14.87 0.21
N LYS B 76 15.44 13.84 0.06
CA LYS B 76 15.87 12.62 -0.65
C LYS B 76 15.55 12.54 -2.15
N ASN B 77 15.40 13.71 -2.77
CA ASN B 77 15.15 13.80 -4.21
C ASN B 77 14.22 12.74 -4.78
N THR B 78 13.01 12.68 -4.23
CA THR B 78 12.06 11.70 -4.69
C THR B 78 10.66 12.29 -4.76
N LEU B 79 9.98 12.02 -5.87
CA LEU B 79 8.64 12.48 -6.12
C LEU B 79 7.78 11.25 -5.83
N TYR B 80 6.55 11.45 -5.36
CA TYR B 80 5.67 10.33 -5.03
C TYR B 80 4.25 10.48 -5.56
N LEU B 81 3.60 9.35 -5.80
CA LEU B 81 2.21 9.35 -6.23
C LEU B 81 1.49 8.26 -5.44
N GLN B 82 0.79 8.68 -4.40
CA GLN B 82 0.01 7.75 -3.58
C GLN B 82 -1.26 7.52 -4.39
N MET B 83 -1.59 6.27 -4.65
CA MET B 83 -2.79 5.96 -5.43
C MET B 83 -3.78 5.08 -4.70
N ASN B 84 -4.84 5.68 -4.18
CA ASN B 84 -5.84 4.91 -3.47
C ASN B 84 -7.14 4.76 -4.28
N SER B 85 -7.98 3.85 -3.82
CA SER B 85 -9.26 3.60 -4.48
C SER B 85 -9.03 3.35 -5.98
N LEU B 86 -8.08 2.48 -6.29
CA LEU B 86 -7.75 2.15 -7.66
C LEU B 86 -8.91 1.45 -8.35
N ARG B 87 -9.16 1.83 -9.60
CA ARG B 87 -10.22 1.23 -10.40
C ARG B 87 -9.59 0.67 -11.66
N ALA B 88 -10.29 -0.25 -12.31
CA ALA B 88 -9.82 -0.92 -13.52
C ALA B 88 -9.36 0.06 -14.62
N GLU B 89 -10.00 1.21 -14.71
CA GLU B 89 -9.62 2.20 -15.73
C GLU B 89 -8.39 3.06 -15.39
N ASP B 90 -7.68 2.72 -14.31
CA ASP B 90 -6.48 3.46 -13.91
C ASP B 90 -5.26 2.77 -14.50
N THR B 91 -5.45 1.54 -14.95
CA THR B 91 -4.32 0.81 -15.50
C THR B 91 -3.73 1.53 -16.70
N ALA B 92 -2.46 1.87 -16.56
CA ALA B 92 -1.73 2.55 -17.60
C ALA B 92 -0.28 2.58 -17.12
N VAL B 93 0.60 3.07 -17.97
CA VAL B 93 2.01 3.19 -17.62
C VAL B 93 2.08 4.60 -17.07
N PHE B 94 2.59 4.75 -15.86
CA PHE B 94 2.69 6.06 -15.24
C PHE B 94 4.14 6.54 -15.27
N TYR B 95 4.36 7.72 -15.87
CA TYR B 95 5.69 8.29 -15.94
C TYR B 95 5.72 9.54 -15.09
N CYS B 96 6.90 9.82 -14.55
CA CYS B 96 7.07 11.03 -13.79
C CYS B 96 7.83 11.90 -14.80
N ALA B 97 7.65 13.20 -14.76
CA ALA B 97 8.34 14.06 -15.72
C ALA B 97 8.77 15.38 -15.11
N LYS B 98 9.90 15.88 -15.62
CA LYS B 98 10.47 17.12 -15.15
C LYS B 98 10.08 18.34 -15.98
N GLU B 99 9.79 19.43 -15.29
CA GLU B 99 9.44 20.69 -15.94
C GLU B 99 10.74 21.16 -16.59
N GLY B 100 10.64 21.70 -17.80
CA GLY B 100 11.84 22.14 -18.49
C GLY B 100 12.67 23.23 -17.83
N GLY B 101 13.98 23.17 -18.00
CA GLY B 101 14.86 24.18 -17.43
C GLY B 101 14.90 25.53 -18.13
N ASP B 102 14.63 25.58 -19.44
CA ASP B 102 14.64 26.85 -20.20
C ASP B 102 13.24 27.27 -20.61
N ASN B 103 12.27 26.45 -20.25
CA ASN B 103 10.86 26.66 -20.52
C ASN B 103 10.35 25.55 -19.64
N LYS B 104 9.49 25.83 -18.67
CA LYS B 104 9.02 24.72 -17.86
C LYS B 104 7.55 24.45 -18.13
N PHE B 105 7.11 24.75 -19.35
CA PHE B 105 5.73 24.49 -19.76
C PHE B 105 5.80 23.22 -20.60
N SER B 106 7.03 22.74 -20.77
CA SER B 106 7.32 21.54 -21.51
C SER B 106 7.94 20.57 -20.50
N PHE B 107 8.03 19.30 -20.87
CA PHE B 107 8.63 18.29 -19.99
C PHE B 107 9.91 17.85 -20.70
N ASP B 108 11.07 18.20 -20.14
CA ASP B 108 12.36 17.89 -20.74
C ASP B 108 12.95 16.50 -20.42
N TYR B 109 12.58 15.94 -19.27
CA TYR B 109 13.06 14.62 -18.87
C TYR B 109 11.91 13.76 -18.38
N TRP B 110 12.08 12.45 -18.54
CA TRP B 110 11.05 11.52 -18.13
C TRP B 110 11.66 10.29 -17.47
N GLY B 111 10.87 9.68 -16.59
CA GLY B 111 11.30 8.47 -15.92
C GLY B 111 11.08 7.38 -16.96
N GLN B 112 11.49 6.15 -16.68
CA GLN B 112 11.32 5.07 -17.65
C GLN B 112 9.88 4.53 -17.66
N GLY B 113 9.11 4.96 -16.66
CA GLY B 113 7.74 4.54 -16.54
C GLY B 113 7.56 3.32 -15.68
N THR B 114 6.37 3.17 -15.13
CA THR B 114 6.07 2.01 -14.31
C THR B 114 4.60 1.65 -14.49
N LEU B 115 4.38 0.36 -14.63
CA LEU B 115 3.05 -0.20 -14.87
C LEU B 115 2.13 -0.34 -13.67
N VAL B 116 0.91 0.14 -13.85
CA VAL B 116 -0.11 0.03 -12.82
C VAL B 116 -1.24 -0.76 -13.46
N THR B 117 -1.51 -1.92 -12.90
CA THR B 117 -2.56 -2.77 -13.43
C THR B 117 -3.59 -2.97 -12.33
N VAL B 118 -4.83 -2.67 -12.66
CA VAL B 118 -5.92 -2.79 -11.70
C VAL B 118 -6.96 -3.76 -12.26
N SER B 119 -7.12 -4.89 -11.58
CA SER B 119 -8.07 -5.88 -12.05
C SER B 119 -8.60 -6.76 -10.92
N SER B 120 -9.86 -7.17 -11.06
CA SER B 120 -10.51 -8.04 -10.07
C SER B 120 -10.31 -9.47 -10.53
N ALA B 121 -9.29 -9.67 -11.35
CA ALA B 121 -8.96 -11.00 -11.85
C ALA B 121 -7.79 -11.51 -11.04
N SER B 122 -7.62 -12.83 -11.02
CA SER B 122 -6.53 -13.43 -10.28
C SER B 122 -5.56 -14.06 -11.27
N THR B 123 -4.32 -14.23 -10.82
CA THR B 123 -3.26 -14.80 -11.65
C THR B 123 -3.66 -16.15 -12.22
N LYS B 124 -3.50 -16.32 -13.52
CA LYS B 124 -3.86 -17.58 -14.13
C LYS B 124 -3.05 -17.92 -15.39
N GLY B 125 -2.65 -19.18 -15.48
CA GLY B 125 -1.90 -19.65 -16.63
C GLY B 125 -2.85 -19.79 -17.81
N PRO B 126 -2.35 -19.71 -19.05
CA PRO B 126 -3.20 -19.81 -20.24
C PRO B 126 -3.39 -21.22 -20.82
N SER B 127 -4.41 -21.37 -21.65
CA SER B 127 -4.69 -22.62 -22.34
C SER B 127 -4.14 -22.32 -23.72
N VAL B 128 -3.37 -23.23 -24.28
CA VAL B 128 -2.82 -22.99 -25.60
C VAL B 128 -3.53 -23.92 -26.54
N PHE B 129 -4.36 -23.35 -27.41
CA PHE B 129 -5.09 -24.14 -28.37
C PHE B 129 -4.42 -23.91 -29.74
N PRO B 130 -4.47 -24.91 -30.61
CA PRO B 130 -3.89 -24.88 -31.96
C PRO B 130 -4.81 -24.24 -32.99
N LEU B 131 -4.22 -23.56 -33.97
CA LEU B 131 -4.94 -22.92 -35.06
C LEU B 131 -4.45 -23.68 -36.28
N ALA B 132 -5.32 -24.48 -36.87
CA ALA B 132 -4.96 -25.28 -38.04
C ALA B 132 -5.93 -25.06 -39.19
N SER B 141 -0.69 -24.15 -51.14
CA SER B 141 0.72 -23.82 -51.28
C SER B 141 1.16 -22.91 -50.14
N THR B 142 0.33 -21.92 -49.83
CA THR B 142 0.66 -21.05 -48.71
C THR B 142 -0.32 -21.39 -47.60
N ALA B 143 0.18 -21.98 -46.53
CA ALA B 143 -0.67 -22.33 -45.40
C ALA B 143 -0.35 -21.44 -44.24
N ALA B 144 -1.25 -21.43 -43.28
CA ALA B 144 -1.08 -20.66 -42.07
C ALA B 144 -1.56 -21.56 -40.96
N LEU B 145 -0.90 -21.46 -39.81
CA LEU B 145 -1.26 -22.23 -38.65
C LEU B 145 -0.84 -21.37 -37.48
N GLY B 146 -1.16 -21.78 -36.27
CA GLY B 146 -0.77 -20.97 -35.15
C GLY B 146 -1.20 -21.56 -33.83
N CYS B 147 -1.12 -20.71 -32.82
CA CYS B 147 -1.48 -21.08 -31.47
C CYS B 147 -2.25 -19.94 -30.85
N LEU B 148 -3.39 -20.28 -30.27
CA LEU B 148 -4.24 -19.32 -29.60
C LEU B 148 -3.88 -19.44 -28.12
N VAL B 149 -3.27 -18.41 -27.55
CA VAL B 149 -2.89 -18.44 -26.14
C VAL B 149 -3.99 -17.71 -25.41
N LYS B 150 -4.91 -18.49 -24.86
CA LYS B 150 -6.09 -17.94 -24.21
C LYS B 150 -6.30 -18.00 -22.71
N ASP B 151 -7.01 -16.99 -22.23
CA ASP B 151 -7.38 -16.82 -20.84
C ASP B 151 -6.24 -16.78 -19.83
N TYR B 152 -5.41 -15.76 -19.93
CA TYR B 152 -4.30 -15.63 -18.99
C TYR B 152 -4.33 -14.28 -18.31
N PHE B 153 -3.65 -14.21 -17.17
CA PHE B 153 -3.56 -13.00 -16.38
C PHE B 153 -2.44 -13.17 -15.37
N PRO B 154 -1.54 -12.19 -15.24
CA PRO B 154 -1.57 -10.94 -16.02
C PRO B 154 -0.66 -11.03 -17.23
N GLU B 155 -0.35 -9.87 -17.78
CA GLU B 155 0.56 -9.79 -18.90
C GLU B 155 1.91 -9.93 -18.22
N PRO B 156 2.96 -10.36 -18.94
CA PRO B 156 2.82 -10.69 -20.36
C PRO B 156 3.16 -12.16 -20.63
N VAL B 157 3.10 -12.57 -21.89
CA VAL B 157 3.46 -13.93 -22.25
C VAL B 157 4.43 -13.81 -23.40
N THR B 158 5.21 -14.84 -23.66
CA THR B 158 6.15 -14.79 -24.76
C THR B 158 5.81 -15.98 -25.63
N VAL B 159 6.10 -15.88 -26.92
CA VAL B 159 5.80 -16.96 -27.84
C VAL B 159 6.91 -17.08 -28.86
N SER B 160 7.39 -18.30 -29.05
CA SER B 160 8.43 -18.55 -30.03
C SER B 160 8.01 -19.82 -30.74
N TRP B 161 8.68 -20.12 -31.85
CA TRP B 161 8.34 -21.31 -32.62
C TRP B 161 9.57 -22.19 -32.80
N ASN B 162 9.40 -23.47 -32.47
CA ASN B 162 10.49 -24.43 -32.56
C ASN B 162 11.72 -23.98 -31.77
N SER B 163 11.46 -23.52 -30.54
CA SER B 163 12.51 -23.07 -29.63
C SER B 163 13.40 -21.95 -30.16
N GLY B 164 12.79 -21.04 -30.92
CA GLY B 164 13.53 -19.93 -31.48
C GLY B 164 14.14 -20.13 -32.87
N ALA B 165 14.08 -21.36 -33.38
CA ALA B 165 14.63 -21.72 -34.70
C ALA B 165 13.79 -21.18 -35.87
N LEU B 166 12.48 -21.15 -35.69
CA LEU B 166 11.59 -20.66 -36.74
C LEU B 166 11.22 -19.21 -36.41
N THR B 167 11.52 -18.32 -37.35
CA THR B 167 11.29 -16.91 -37.11
C THR B 167 10.67 -16.13 -38.29
N SER B 168 10.95 -16.56 -39.51
CA SER B 168 10.41 -15.90 -40.68
C SER B 168 8.95 -16.30 -40.87
N GLY B 169 8.09 -15.33 -41.18
CA GLY B 169 6.67 -15.59 -41.37
C GLY B 169 5.88 -15.63 -40.07
N VAL B 170 6.53 -15.29 -38.96
CA VAL B 170 5.86 -15.29 -37.67
C VAL B 170 5.25 -13.94 -37.31
N HIS B 171 4.01 -13.97 -36.85
CA HIS B 171 3.32 -12.77 -36.43
C HIS B 171 2.65 -13.03 -35.09
N THR B 172 3.21 -12.47 -34.03
CA THR B 172 2.63 -12.65 -32.72
C THR B 172 1.90 -11.37 -32.40
N PHE B 173 0.58 -11.46 -32.38
CA PHE B 173 -0.29 -10.32 -32.14
C PHE B 173 -0.32 -9.82 -30.72
N PRO B 174 -0.57 -8.52 -30.54
CA PRO B 174 -0.64 -7.88 -29.23
C PRO B 174 -1.78 -8.53 -28.47
N ALA B 175 -1.61 -8.68 -27.16
CA ALA B 175 -2.64 -9.30 -26.36
C ALA B 175 -3.89 -8.41 -26.36
N VAL B 176 -5.03 -9.05 -26.17
CA VAL B 176 -6.32 -8.37 -26.16
C VAL B 176 -6.95 -8.68 -24.79
N LEU B 177 -7.57 -7.68 -24.17
CA LEU B 177 -8.22 -7.91 -22.89
C LEU B 177 -9.69 -8.24 -23.11
N GLN B 178 -10.05 -9.47 -22.79
CA GLN B 178 -11.41 -9.94 -22.94
C GLN B 178 -12.30 -9.45 -21.82
N SER B 179 -13.62 -9.54 -22.06
CA SER B 179 -14.63 -9.13 -21.08
C SER B 179 -14.37 -9.79 -19.72
N SER B 180 -13.99 -11.06 -19.73
CA SER B 180 -13.73 -11.82 -18.49
C SER B 180 -12.65 -11.21 -17.62
N GLY B 181 -11.82 -10.38 -18.23
CA GLY B 181 -10.74 -9.76 -17.49
C GLY B 181 -9.47 -10.54 -17.74
N LEU B 182 -9.57 -11.56 -18.59
CA LEU B 182 -8.45 -12.40 -18.94
C LEU B 182 -7.90 -11.95 -20.28
N TYR B 183 -6.61 -12.14 -20.49
CA TYR B 183 -6.02 -11.75 -21.76
C TYR B 183 -6.04 -12.93 -22.69
N SER B 184 -5.87 -12.64 -23.97
CA SER B 184 -5.86 -13.66 -24.99
C SER B 184 -5.02 -13.16 -26.15
N LEU B 185 -4.18 -14.01 -26.70
CA LEU B 185 -3.39 -13.57 -27.84
C LEU B 185 -3.16 -14.71 -28.80
N SER B 186 -2.99 -14.36 -30.07
CA SER B 186 -2.75 -15.34 -31.11
C SER B 186 -1.38 -15.14 -31.72
N SER B 187 -0.77 -16.25 -32.12
CA SER B 187 0.55 -16.22 -32.73
C SER B 187 0.51 -17.10 -33.97
N VAL B 188 0.67 -16.50 -35.15
CA VAL B 188 0.63 -17.32 -36.36
C VAL B 188 1.95 -17.37 -37.08
N VAL B 189 2.00 -18.22 -38.11
CA VAL B 189 3.19 -18.37 -38.92
C VAL B 189 2.71 -18.90 -40.27
N THR B 190 3.20 -18.32 -41.36
CA THR B 190 2.80 -18.79 -42.68
C THR B 190 3.93 -19.61 -43.23
N VAL B 191 3.59 -20.71 -43.88
CA VAL B 191 4.63 -21.51 -44.48
C VAL B 191 4.18 -21.94 -45.86
N PRO B 192 5.12 -21.86 -46.82
CA PRO B 192 4.95 -22.24 -48.22
C PRO B 192 5.14 -23.75 -48.38
N GLN B 199 7.14 -30.28 -42.25
CA GLN B 199 7.82 -30.79 -41.06
C GLN B 199 6.98 -30.63 -39.79
N THR B 200 7.61 -30.11 -38.74
CA THR B 200 6.95 -29.95 -37.44
C THR B 200 6.95 -28.52 -36.88
N TYR B 201 5.84 -28.15 -36.25
CA TYR B 201 5.67 -26.81 -35.69
C TYR B 201 5.23 -26.84 -34.25
N THR B 202 5.99 -26.14 -33.41
CA THR B 202 5.71 -26.10 -32.00
C THR B 202 5.78 -24.67 -31.47
N CYS B 203 4.73 -24.22 -30.81
CA CYS B 203 4.78 -22.88 -30.24
C CYS B 203 5.20 -23.08 -28.79
N ASN B 204 6.18 -22.31 -28.37
CA ASN B 204 6.69 -22.40 -27.01
C ASN B 204 6.12 -21.21 -26.25
N VAL B 205 5.23 -21.46 -25.31
CA VAL B 205 4.61 -20.39 -24.55
C VAL B 205 5.04 -20.36 -23.09
N ASP B 206 5.37 -19.16 -22.64
CA ASP B 206 5.83 -18.94 -21.28
C ASP B 206 5.04 -17.83 -20.57
N HIS B 207 4.32 -18.19 -19.51
CA HIS B 207 3.57 -17.21 -18.74
C HIS B 207 4.14 -17.17 -17.31
N LYS B 208 5.21 -16.40 -17.16
CA LYS B 208 5.94 -16.23 -15.89
C LYS B 208 5.17 -15.92 -14.63
N PRO B 209 4.16 -15.06 -14.71
CA PRO B 209 3.39 -14.73 -13.50
C PRO B 209 2.80 -15.98 -12.85
N SER B 210 2.57 -17.02 -13.64
CA SER B 210 1.98 -18.25 -13.12
C SER B 210 2.83 -19.51 -13.28
N ASN B 211 4.05 -19.33 -13.78
CA ASN B 211 4.95 -20.45 -14.00
C ASN B 211 4.27 -21.43 -14.95
N THR B 212 3.98 -20.97 -16.15
CA THR B 212 3.36 -21.83 -17.13
C THR B 212 4.22 -21.87 -18.36
N LYS B 213 4.84 -23.02 -18.58
CA LYS B 213 5.65 -23.20 -19.75
C LYS B 213 4.95 -24.30 -20.51
N VAL B 214 4.50 -23.95 -21.70
CA VAL B 214 3.78 -24.89 -22.53
C VAL B 214 4.29 -24.93 -23.95
N ASP B 215 4.69 -26.12 -24.38
CA ASP B 215 5.11 -26.30 -25.75
C ASP B 215 3.89 -26.90 -26.41
N LYS B 216 3.58 -26.39 -27.58
CA LYS B 216 2.39 -26.85 -28.27
C LYS B 216 2.66 -27.17 -29.73
N THR B 217 2.69 -28.47 -30.02
CA THR B 217 2.95 -28.97 -31.37
C THR B 217 1.67 -28.90 -32.18
N VAL B 218 1.68 -28.07 -33.21
CA VAL B 218 0.52 -27.87 -34.08
C VAL B 218 0.58 -28.81 -35.28
N GLY C 2 -23.30 6.02 24.02
CA GLY C 2 -21.89 6.35 23.74
C GLY C 2 -21.14 6.59 25.02
N GLN C 3 -21.85 6.79 26.12
CA GLN C 3 -21.15 7.01 27.37
C GLN C 3 -21.20 5.80 28.29
N LEU C 4 -20.02 5.50 28.83
CA LEU C 4 -19.83 4.37 29.71
C LEU C 4 -18.74 4.78 30.70
N THR C 5 -19.04 4.75 31.99
CA THR C 5 -18.08 5.16 33.01
C THR C 5 -17.75 4.03 33.98
N GLN C 6 -16.48 3.66 34.05
CA GLN C 6 -16.06 2.61 34.96
C GLN C 6 -15.45 3.22 36.21
N SER C 7 -15.51 2.44 37.29
CA SER C 7 -15.00 2.86 38.58
C SER C 7 -14.84 1.66 39.49
N PRO C 8 -13.80 1.66 40.33
CA PRO C 8 -12.86 2.79 40.33
C PRO C 8 -11.89 2.56 39.18
N ALA C 9 -10.90 3.44 38.99
CA ALA C 9 -9.92 3.25 37.92
C ALA C 9 -8.95 2.12 38.32
N THR C 10 -8.63 2.05 39.60
CA THR C 10 -7.74 1.03 40.12
C THR C 10 -8.33 0.37 41.35
N LEU C 11 -8.43 -0.95 41.31
CA LEU C 11 -8.96 -1.72 42.43
C LEU C 11 -7.78 -2.47 43.06
N SER C 12 -7.43 -2.08 44.28
CA SER C 12 -6.31 -2.70 44.97
C SER C 12 -6.77 -3.77 45.96
N LEU C 13 -6.65 -5.03 45.54
CA LEU C 13 -7.05 -6.18 46.34
C LEU C 13 -5.95 -7.22 46.48
N SER C 14 -6.09 -8.08 47.50
CA SER C 14 -5.14 -9.16 47.71
C SER C 14 -5.89 -10.38 47.16
N PRO C 15 -5.18 -11.46 46.81
CA PRO C 15 -5.69 -12.73 46.28
C PRO C 15 -6.60 -13.35 47.33
N GLY C 16 -7.77 -13.84 46.93
CA GLY C 16 -8.69 -14.44 47.90
C GLY C 16 -9.88 -13.53 48.18
N GLU C 17 -9.69 -12.24 47.98
CA GLU C 17 -10.74 -11.26 48.19
C GLU C 17 -11.71 -11.19 47.02
N ARG C 18 -12.87 -10.61 47.29
CA ARG C 18 -13.91 -10.43 46.29
C ARG C 18 -13.68 -9.11 45.56
N ALA C 19 -13.79 -9.12 44.24
CA ALA C 19 -13.61 -7.92 43.44
C ALA C 19 -14.95 -7.48 42.88
N THR C 20 -15.27 -6.20 43.04
CA THR C 20 -16.52 -5.66 42.53
C THR C 20 -16.21 -4.43 41.72
N LEU C 21 -16.41 -4.52 40.41
CA LEU C 21 -16.13 -3.37 39.55
C LEU C 21 -17.45 -2.83 39.00
N SER C 22 -17.56 -1.51 38.90
CA SER C 22 -18.78 -0.87 38.41
C SER C 22 -18.64 -0.28 37.02
N CYS C 23 -19.77 -0.09 36.36
CA CYS C 23 -19.84 0.47 35.01
C CYS C 23 -21.21 1.10 34.83
N ARG C 24 -21.23 2.43 34.74
CA ARG C 24 -22.47 3.18 34.56
C ARG C 24 -22.71 3.54 33.10
N ALA C 25 -23.73 2.92 32.51
CA ALA C 25 -24.09 3.19 31.11
C ALA C 25 -25.18 4.26 31.12
N SER C 26 -25.74 4.54 29.95
CA SER C 26 -26.77 5.56 29.91
C SER C 26 -28.13 4.99 29.60
N GLN C 27 -28.14 3.68 29.49
CA GLN C 27 -29.32 2.89 29.18
C GLN C 27 -29.20 1.78 30.20
N SER C 28 -30.32 1.22 30.62
CA SER C 28 -30.25 0.13 31.59
C SER C 28 -30.65 -1.22 30.98
N VAL C 29 -30.86 -1.28 29.67
CA VAL C 29 -31.20 -2.58 29.06
C VAL C 29 -29.93 -3.42 29.25
N THR C 30 -30.07 -4.62 29.80
CA THR C 30 -28.90 -5.47 30.08
C THR C 30 -28.31 -6.16 28.84
N ASN C 31 -29.18 -6.60 27.95
CA ASN C 31 -28.77 -7.25 26.71
C ASN C 31 -27.54 -6.56 26.08
N TYR C 32 -27.49 -5.24 26.18
CA TYR C 32 -26.41 -4.44 25.59
C TYR C 32 -25.04 -4.37 26.30
N LEU C 33 -24.92 -4.82 27.54
CA LEU C 33 -23.64 -4.74 28.25
C LEU C 33 -22.82 -6.05 28.33
N ALA C 34 -21.50 -5.91 28.31
CA ALA C 34 -20.57 -7.05 28.39
C ALA C 34 -19.28 -6.62 29.09
N TRP C 35 -18.50 -7.60 29.52
CA TRP C 35 -17.24 -7.37 30.21
C TRP C 35 -16.08 -8.16 29.63
N TYR C 36 -14.92 -7.53 29.57
CA TYR C 36 -13.74 -8.19 29.03
C TYR C 36 -12.57 -8.07 29.99
N GLN C 37 -11.60 -8.94 29.78
CA GLN C 37 -10.41 -8.98 30.59
C GLN C 37 -9.24 -8.88 29.62
N GLN C 38 -8.26 -8.04 29.94
CA GLN C 38 -7.12 -7.96 29.05
C GLN C 38 -5.84 -7.85 29.84
N LYS C 39 -4.92 -8.73 29.49
CA LYS C 39 -3.62 -8.74 30.12
C LYS C 39 -2.67 -8.08 29.15
N PRO C 40 -1.54 -7.57 29.64
CA PRO C 40 -0.56 -6.90 28.79
C PRO C 40 -0.11 -7.74 27.58
N GLY C 41 -0.20 -7.16 26.39
CA GLY C 41 0.24 -7.85 25.19
C GLY C 41 -0.67 -8.91 24.58
N GLN C 42 -1.84 -9.11 25.17
CA GLN C 42 -2.75 -10.11 24.61
C GLN C 42 -4.06 -9.47 24.23
N ALA C 43 -4.80 -10.15 23.36
CA ALA C 43 -6.08 -9.64 22.94
C ALA C 43 -7.01 -9.72 24.17
N PRO C 44 -8.11 -8.96 24.16
CA PRO C 44 -9.10 -8.92 25.23
C PRO C 44 -9.96 -10.15 25.10
N ARG C 45 -10.58 -10.57 26.18
CA ARG C 45 -11.43 -11.71 26.01
C ARG C 45 -12.62 -11.67 26.91
N LEU C 46 -13.72 -11.94 26.24
CA LEU C 46 -15.07 -11.97 26.75
C LEU C 46 -15.25 -12.78 28.01
N LEU C 47 -15.76 -12.12 29.05
CA LEU C 47 -16.02 -12.74 30.34
C LEU C 47 -17.52 -12.88 30.56
N ILE C 48 -18.23 -11.79 30.30
CA ILE C 48 -19.68 -11.71 30.50
C ILE C 48 -20.38 -10.97 29.37
N TYR C 49 -21.58 -11.41 29.03
CA TYR C 49 -22.35 -10.77 27.98
C TYR C 49 -23.80 -10.79 28.42
N GLY C 50 -24.61 -9.91 27.87
CA GLY C 50 -26.00 -9.87 28.28
C GLY C 50 -26.01 -9.42 29.72
N ALA C 51 -24.91 -8.79 30.12
CA ALA C 51 -24.76 -8.28 31.48
C ALA C 51 -24.63 -9.33 32.58
N SER C 52 -25.10 -10.56 32.37
CA SER C 52 -25.03 -11.58 33.42
C SER C 52 -24.60 -12.99 33.00
N ASN C 53 -24.35 -13.19 31.71
CA ASN C 53 -23.93 -14.51 31.24
C ASN C 53 -22.42 -14.59 31.03
N ARG C 54 -21.80 -15.64 31.53
CA ARG C 54 -20.38 -15.77 31.32
C ARG C 54 -20.12 -16.63 30.09
N ALA C 55 -19.13 -16.21 29.30
CA ALA C 55 -18.73 -16.87 28.07
C ALA C 55 -18.24 -18.27 28.40
N THR C 56 -18.05 -19.10 27.37
CA THR C 56 -17.58 -20.47 27.57
C THR C 56 -16.10 -20.52 27.90
N GLY C 57 -15.81 -21.28 28.94
CA GLY C 57 -14.44 -21.42 29.41
C GLY C 57 -14.24 -20.48 30.58
N ILE C 58 -15.18 -19.57 30.77
CA ILE C 58 -15.08 -18.61 31.86
C ILE C 58 -15.47 -19.22 33.20
N PRO C 59 -14.53 -19.23 34.15
CA PRO C 59 -14.64 -19.73 35.52
C PRO C 59 -15.86 -19.14 36.24
N ALA C 60 -16.39 -19.89 37.21
CA ALA C 60 -17.56 -19.50 37.99
C ALA C 60 -17.40 -18.32 38.97
N ARG C 61 -16.17 -18.04 39.40
CA ARG C 61 -15.98 -16.93 40.33
C ARG C 61 -16.30 -15.59 39.65
N PHE C 62 -16.34 -15.62 38.33
CA PHE C 62 -16.65 -14.44 37.54
C PHE C 62 -18.17 -14.38 37.41
N SER C 63 -18.77 -13.29 37.87
CA SER C 63 -20.21 -13.14 37.78
C SER C 63 -20.56 -11.69 37.46
N GLY C 64 -21.74 -11.48 36.90
CA GLY C 64 -22.16 -10.15 36.55
C GLY C 64 -23.64 -9.92 36.74
N SER C 65 -24.02 -8.65 36.80
CA SER C 65 -25.40 -8.27 37.02
C SER C 65 -25.49 -6.75 36.94
N GLY C 66 -26.70 -6.25 36.71
CA GLY C 66 -26.91 -4.82 36.63
C GLY C 66 -28.31 -4.48 37.08
N SER C 67 -28.46 -3.23 37.50
CA SER C 67 -29.74 -2.74 37.96
C SER C 67 -29.63 -1.26 37.73
N GLY C 68 -30.57 -0.74 36.95
CA GLY C 68 -30.53 0.66 36.60
C GLY C 68 -29.50 0.75 35.49
N THR C 69 -28.81 1.88 35.38
CA THR C 69 -27.77 2.08 34.37
C THR C 69 -26.45 1.64 35.01
N ASP C 70 -26.58 0.95 36.13
CA ASP C 70 -25.45 0.51 36.92
C ASP C 70 -25.22 -0.97 36.72
N PHE C 71 -24.10 -1.31 36.08
CA PHE C 71 -23.72 -2.69 35.81
C PHE C 71 -22.54 -3.05 36.69
N THR C 72 -22.51 -4.31 37.12
CA THR C 72 -21.45 -4.78 37.99
C THR C 72 -20.81 -6.11 37.62
N LEU C 73 -19.50 -6.18 37.80
CA LEU C 73 -18.73 -7.39 37.53
C LEU C 73 -18.14 -7.84 38.86
N THR C 74 -18.44 -9.08 39.26
CA THR C 74 -17.92 -9.58 40.53
C THR C 74 -17.05 -10.81 40.36
N ILE C 75 -15.90 -10.79 41.00
CA ILE C 75 -14.99 -11.92 41.01
C ILE C 75 -15.04 -12.32 42.49
N SER C 76 -15.72 -13.42 42.78
CA SER C 76 -15.91 -13.93 44.15
C SER C 76 -14.63 -14.06 44.98
N SER C 77 -13.58 -14.62 44.37
CA SER C 77 -12.31 -14.79 45.06
C SER C 77 -11.18 -14.66 44.04
N LEU C 78 -10.42 -13.58 44.16
CA LEU C 78 -9.31 -13.29 43.25
C LEU C 78 -8.16 -14.29 43.23
N GLU C 79 -7.78 -14.72 42.03
CA GLU C 79 -6.67 -15.64 41.84
C GLU C 79 -5.59 -14.70 41.29
N PRO C 80 -4.31 -15.09 41.35
CA PRO C 80 -3.17 -14.30 40.88
C PRO C 80 -3.23 -13.91 39.39
N GLU C 81 -4.02 -14.64 38.62
CA GLU C 81 -4.17 -14.37 37.19
C GLU C 81 -5.35 -13.45 36.88
N ASP C 82 -6.08 -13.06 37.92
CA ASP C 82 -7.23 -12.16 37.76
C ASP C 82 -6.81 -10.71 37.82
N PHE C 83 -5.55 -10.49 38.18
CA PHE C 83 -5.04 -9.13 38.25
C PHE C 83 -4.70 -8.68 36.84
N ALA C 84 -5.63 -7.95 36.23
CA ALA C 84 -5.45 -7.45 34.89
C ALA C 84 -6.36 -6.27 34.70
N VAL C 85 -6.66 -5.96 33.44
CA VAL C 85 -7.53 -4.86 33.12
C VAL C 85 -8.89 -5.42 32.70
N TYR C 86 -9.95 -4.77 33.17
CA TYR C 86 -11.29 -5.18 32.85
C TYR C 86 -12.04 -4.02 32.22
N TYR C 87 -12.68 -4.29 31.09
CA TYR C 87 -13.41 -3.29 30.34
C TYR C 87 -14.87 -3.67 30.22
N CYS C 88 -15.74 -2.72 30.44
CA CYS C 88 -17.13 -3.03 30.25
C CYS C 88 -17.38 -2.46 28.87
N GLN C 89 -18.29 -3.07 28.14
CA GLN C 89 -18.58 -2.62 26.80
C GLN C 89 -20.07 -2.61 26.52
N GLN C 90 -20.45 -1.80 25.56
CA GLN C 90 -21.84 -1.69 25.21
C GLN C 90 -21.97 -1.38 23.74
N ARG C 91 -22.99 -1.96 23.15
CA ARG C 91 -23.28 -1.72 21.75
C ARG C 91 -24.76 -1.93 21.60
N ASP C 92 -25.29 -1.55 20.46
CA ASP C 92 -26.72 -1.66 20.21
C ASP C 92 -26.98 -2.15 18.77
N ASN C 93 -28.22 -1.98 18.32
CA ASN C 93 -28.55 -2.44 16.98
C ASN C 93 -28.21 -1.41 15.92
N TRP C 94 -28.79 -0.22 16.04
CA TRP C 94 -28.53 0.89 15.12
C TRP C 94 -28.77 2.21 15.87
N PRO C 95 -27.77 3.10 15.88
CA PRO C 95 -26.45 2.96 15.23
C PRO C 95 -25.79 1.69 15.78
N PRO C 96 -24.94 1.01 14.96
CA PRO C 96 -24.24 -0.23 15.36
C PRO C 96 -22.87 -0.11 16.07
N ASP C 97 -22.38 1.12 16.29
CA ASP C 97 -21.08 1.32 16.94
C ASP C 97 -21.05 0.87 18.41
N ALA C 98 -19.91 0.32 18.82
CA ALA C 98 -19.71 -0.14 20.19
C ALA C 98 -18.94 0.90 20.99
N THR C 99 -19.17 0.90 22.28
CA THR C 99 -18.49 1.83 23.17
C THR C 99 -17.90 1.00 24.31
N PHE C 100 -16.70 1.36 24.71
CA PHE C 100 -16.00 0.65 25.78
C PHE C 100 -15.78 1.56 26.98
N GLY C 101 -15.89 0.98 28.17
CA GLY C 101 -15.64 1.76 29.37
C GLY C 101 -14.15 2.04 29.29
N GLN C 102 -13.63 2.98 30.08
CA GLN C 102 -12.20 3.30 30.02
C GLN C 102 -11.34 2.24 30.73
N GLY C 103 -11.99 1.21 31.27
CA GLY C 103 -11.29 0.13 31.94
C GLY C 103 -10.87 0.37 33.38
N THR C 104 -10.86 -0.72 34.16
CA THR C 104 -10.44 -0.66 35.56
C THR C 104 -9.32 -1.67 35.69
N LYS C 105 -8.33 -1.33 36.49
CA LYS C 105 -7.22 -2.24 36.67
C LYS C 105 -7.26 -2.84 38.06
N VAL C 106 -7.32 -4.17 38.12
CA VAL C 106 -7.34 -4.85 39.40
C VAL C 106 -5.89 -5.09 39.78
N GLU C 107 -5.46 -4.33 40.77
CA GLU C 107 -4.10 -4.34 41.27
C GLU C 107 -3.94 -5.12 42.57
N ILE C 108 -2.71 -5.48 42.88
CA ILE C 108 -2.41 -6.22 44.09
C ILE C 108 -2.08 -5.26 45.24
N LYS C 109 -2.90 -5.32 46.29
CA LYS C 109 -2.70 -4.47 47.44
C LYS C 109 -1.46 -4.96 48.15
N ARG C 110 -0.80 -4.05 48.82
CA ARG C 110 0.44 -4.39 49.47
C ARG C 110 0.76 -3.25 50.44
N THR C 111 1.80 -3.41 51.25
CA THR C 111 2.14 -2.35 52.17
C THR C 111 2.87 -1.27 51.38
N VAL C 112 2.79 -0.06 51.90
CA VAL C 112 3.44 1.09 51.30
C VAL C 112 4.94 0.89 51.38
N ALA C 113 5.63 1.25 50.32
CA ALA C 113 7.07 1.10 50.29
C ALA C 113 7.66 2.31 49.58
N ALA C 114 8.46 3.07 50.31
CA ALA C 114 9.11 4.26 49.75
C ALA C 114 10.04 3.76 48.66
N PRO C 115 10.23 4.53 47.58
CA PRO C 115 11.13 4.12 46.51
C PRO C 115 12.56 4.50 46.91
N SER C 116 13.56 3.70 46.54
CA SER C 116 14.94 4.09 46.86
C SER C 116 15.41 4.77 45.58
N VAL C 117 15.93 5.98 45.73
CA VAL C 117 16.33 6.82 44.61
C VAL C 117 17.80 6.81 44.19
N PHE C 118 18.00 6.81 42.88
CA PHE C 118 19.34 6.80 42.29
C PHE C 118 19.33 7.77 41.11
N ILE C 119 20.37 8.59 41.01
CA ILE C 119 20.45 9.53 39.90
C ILE C 119 21.67 9.19 39.07
N PHE C 120 21.50 9.16 37.74
CA PHE C 120 22.59 8.80 36.83
C PHE C 120 23.08 9.91 35.92
N PRO C 121 24.31 10.39 36.13
CA PRO C 121 24.73 11.44 35.21
C PRO C 121 24.91 10.84 33.81
N PRO C 122 24.87 11.68 32.77
CA PRO C 122 25.03 11.27 31.37
C PRO C 122 26.44 10.68 31.26
N SER C 123 26.60 9.59 30.53
CA SER C 123 27.91 8.95 30.38
C SER C 123 28.83 9.79 29.51
N ASP C 124 30.13 9.65 29.71
CA ASP C 124 31.10 10.39 28.91
C ASP C 124 30.98 9.97 27.45
N GLU C 125 30.48 8.75 27.24
CA GLU C 125 30.33 8.24 25.88
C GLU C 125 29.20 8.92 25.13
N GLN C 126 28.08 9.16 25.82
CA GLN C 126 26.95 9.82 25.17
C GLN C 126 27.31 11.22 24.70
N LEU C 127 27.99 11.99 25.55
CA LEU C 127 28.39 13.37 25.22
C LEU C 127 29.24 13.38 23.95
N LYS C 128 30.10 12.38 23.82
CA LYS C 128 30.96 12.27 22.63
C LYS C 128 30.05 12.50 21.45
N SER C 129 28.93 11.79 21.46
CA SER C 129 27.90 11.84 20.42
C SER C 129 27.23 13.23 20.33
N GLY C 130 27.35 14.01 21.40
CA GLY C 130 26.77 15.34 21.43
C GLY C 130 25.44 15.52 22.14
N THR C 131 25.07 14.61 23.03
CA THR C 131 23.82 14.77 23.77
C THR C 131 24.02 14.32 25.21
N ALA C 132 23.09 14.72 26.06
CA ALA C 132 23.14 14.36 27.46
C ALA C 132 21.76 13.90 27.95
N SER C 133 21.74 12.77 28.64
CA SER C 133 20.52 12.21 29.20
C SER C 133 20.76 12.01 30.69
N VAL C 134 19.96 12.66 31.53
CA VAL C 134 20.12 12.48 32.96
C VAL C 134 18.99 11.53 33.35
N VAL C 135 19.31 10.51 34.12
CA VAL C 135 18.29 9.55 34.50
C VAL C 135 18.05 9.47 35.99
N CYS C 136 16.79 9.35 36.36
CA CYS C 136 16.43 9.24 37.76
C CYS C 136 15.67 7.93 37.95
N LEU C 137 16.21 7.08 38.80
CA LEU C 137 15.61 5.78 39.08
C LEU C 137 14.82 5.75 40.39
N LEU C 138 13.58 5.29 40.31
CA LEU C 138 12.72 5.15 41.49
C LEU C 138 12.49 3.64 41.58
N ASN C 139 13.16 3.00 42.53
CA ASN C 139 13.08 1.55 42.67
C ASN C 139 12.15 0.96 43.72
N ASN C 140 11.40 -0.06 43.28
CA ASN C 140 10.46 -0.82 44.09
C ASN C 140 9.65 -0.01 45.09
N PHE C 141 8.64 0.67 44.59
CA PHE C 141 7.79 1.47 45.46
C PHE C 141 6.33 1.08 45.36
N TYR C 142 5.55 1.54 46.33
CA TYR C 142 4.13 1.26 46.39
C TYR C 142 3.45 2.28 47.31
N PRO C 143 2.30 2.81 46.89
CA PRO C 143 1.62 2.50 45.63
C PRO C 143 2.26 3.15 44.39
N ARG C 144 1.62 2.93 43.25
CA ARG C 144 2.08 3.44 41.96
C ARG C 144 2.29 4.96 41.85
N GLU C 145 1.35 5.74 42.39
CA GLU C 145 1.44 7.19 42.31
C GLU C 145 2.74 7.74 42.91
N ALA C 146 3.53 8.43 42.08
CA ALA C 146 4.79 8.99 42.56
C ALA C 146 5.13 10.21 41.72
N LYS C 147 5.85 11.16 42.30
CA LYS C 147 6.16 12.39 41.58
C LYS C 147 7.66 12.68 41.46
N VAL C 148 8.08 13.06 40.26
CA VAL C 148 9.47 13.37 39.99
C VAL C 148 9.60 14.80 39.48
N GLN C 149 10.42 15.58 40.17
CA GLN C 149 10.67 16.98 39.84
C GLN C 149 12.16 17.14 39.55
N TRP C 150 12.49 17.57 38.33
CA TRP C 150 13.88 17.76 37.92
C TRP C 150 14.32 19.21 38.14
N LYS C 151 15.52 19.40 38.66
CA LYS C 151 16.01 20.75 38.89
C LYS C 151 17.46 20.92 38.45
N VAL C 152 17.71 21.96 37.66
CA VAL C 152 19.07 22.23 37.18
C VAL C 152 19.46 23.60 37.74
N ASP C 153 20.44 23.60 38.62
CA ASP C 153 20.88 24.81 39.29
C ASP C 153 19.68 25.52 39.90
N ASN C 154 18.80 24.70 40.47
CA ASN C 154 17.58 25.15 41.13
C ASN C 154 16.45 25.62 40.22
N ALA C 155 16.63 25.51 38.91
CA ALA C 155 15.58 25.89 37.99
C ALA C 155 14.71 24.66 37.77
N LEU C 156 13.42 24.79 38.03
CA LEU C 156 12.51 23.67 37.86
C LEU C 156 12.39 23.40 36.36
N GLN C 157 12.52 22.14 35.98
CA GLN C 157 12.46 21.74 34.58
C GLN C 157 11.04 21.35 34.17
N SER C 158 10.58 21.81 33.02
CA SER C 158 9.24 21.50 32.54
C SER C 158 9.17 21.33 31.02
N GLY C 159 8.74 20.15 30.61
CA GLY C 159 8.62 19.88 29.19
C GLY C 159 9.82 19.21 28.56
N ASN C 160 10.85 18.93 29.35
CA ASN C 160 12.05 18.29 28.82
C ASN C 160 12.35 16.95 29.47
N SER C 161 11.34 16.30 30.02
CA SER C 161 11.56 15.01 30.65
C SER C 161 10.47 14.01 30.28
N GLN C 162 10.82 12.73 30.36
CA GLN C 162 9.90 11.65 30.04
C GLN C 162 10.12 10.55 31.05
N GLU C 163 9.05 9.85 31.42
CA GLU C 163 9.19 8.81 32.39
C GLU C 163 8.43 7.57 31.97
N SER C 164 8.80 6.43 32.55
CA SER C 164 8.16 5.17 32.24
C SER C 164 8.03 4.37 33.54
N VAL C 165 7.05 3.49 33.61
CA VAL C 165 6.85 2.69 34.80
C VAL C 165 6.64 1.22 34.46
N THR C 166 7.25 0.34 35.24
CA THR C 166 7.13 -1.11 35.02
C THR C 166 5.78 -1.66 35.45
N GLU C 167 5.53 -2.91 35.10
CA GLU C 167 4.31 -3.61 35.49
C GLU C 167 4.59 -4.00 36.93
N GLN C 168 3.53 -4.13 37.72
CA GLN C 168 3.72 -4.49 39.11
C GLN C 168 4.52 -5.79 39.20
N ASP C 169 5.57 -5.77 40.01
CA ASP C 169 6.42 -6.93 40.18
C ASP C 169 5.65 -8.09 40.80
N SER C 170 5.82 -9.27 40.21
CA SER C 170 5.16 -10.49 40.66
C SER C 170 5.67 -10.94 42.04
N LYS C 171 6.97 -10.76 42.27
CA LYS C 171 7.58 -11.14 43.54
C LYS C 171 7.14 -10.27 44.72
N ASP C 172 7.50 -8.98 44.71
CA ASP C 172 7.14 -8.07 45.81
C ASP C 172 5.95 -7.13 45.56
N SER C 173 5.35 -7.18 44.38
CA SER C 173 4.18 -6.34 44.06
C SER C 173 4.46 -4.84 44.03
N THR C 174 5.73 -4.46 43.83
CA THR C 174 6.08 -3.05 43.78
C THR C 174 6.19 -2.57 42.34
N TYR C 175 6.40 -1.27 42.19
CA TYR C 175 6.55 -0.63 40.89
C TYR C 175 7.90 0.03 40.85
N SER C 176 8.37 0.26 39.64
CA SER C 176 9.63 0.93 39.47
C SER C 176 9.42 1.99 38.41
N LEU C 177 10.08 3.12 38.59
CA LEU C 177 9.92 4.21 37.65
C LEU C 177 11.26 4.78 37.22
N SER C 178 11.36 5.13 35.94
CA SER C 178 12.58 5.70 35.42
C SER C 178 12.24 7.02 34.74
N SER C 179 12.97 8.06 35.09
CA SER C 179 12.75 9.36 34.49
C SER C 179 14.01 9.81 33.77
N THR C 180 13.82 10.33 32.57
CA THR C 180 14.92 10.77 31.72
C THR C 180 14.76 12.23 31.35
N LEU C 181 15.72 13.04 31.78
CA LEU C 181 15.74 14.47 31.49
C LEU C 181 16.69 14.64 30.30
N THR C 182 16.22 15.25 29.22
CA THR C 182 17.07 15.46 28.07
C THR C 182 17.44 16.91 27.88
N LEU C 183 18.73 17.14 27.84
CA LEU C 183 19.28 18.46 27.63
C LEU C 183 20.27 18.33 26.48
N SER C 184 20.55 19.43 25.81
CA SER C 184 21.54 19.37 24.75
C SER C 184 22.79 19.38 25.59
N LYS C 185 23.89 18.95 24.98
CA LYS C 185 25.16 18.88 25.66
C LYS C 185 25.71 20.24 26.04
N ALA C 186 25.54 21.20 25.14
CA ALA C 186 25.99 22.56 25.37
C ALA C 186 25.38 23.04 26.68
N ASP C 187 24.09 22.76 26.85
CA ASP C 187 23.38 23.19 28.05
C ASP C 187 23.83 22.44 29.29
N TYR C 188 23.98 21.13 29.15
CA TYR C 188 24.43 20.31 30.24
C TYR C 188 25.76 20.87 30.78
N GLU C 189 26.63 21.30 29.87
CA GLU C 189 27.95 21.84 30.24
C GLU C 189 27.85 23.24 30.87
N LYS C 190 26.67 23.85 30.76
CA LYS C 190 26.42 25.20 31.28
C LYS C 190 25.98 25.23 32.73
N HIS C 191 25.55 24.09 33.24
CA HIS C 191 25.11 24.04 34.62
C HIS C 191 25.90 23.07 35.47
N LYS C 192 25.69 23.18 36.77
CA LYS C 192 26.45 22.40 37.73
C LYS C 192 25.65 21.40 38.57
N VAL C 193 24.60 21.85 39.25
CA VAL C 193 23.84 20.93 40.09
C VAL C 193 22.61 20.32 39.45
N TYR C 194 22.61 18.99 39.36
CA TYR C 194 21.49 18.27 38.79
C TYR C 194 20.84 17.49 39.91
N ALA C 195 19.57 17.75 40.13
CA ALA C 195 18.87 17.07 41.19
C ALA C 195 17.53 16.50 40.74
N CYS C 196 17.18 15.40 41.37
CA CYS C 196 15.92 14.73 41.10
C CYS C 196 15.24 14.66 42.45
N GLU C 197 14.12 15.36 42.60
CA GLU C 197 13.40 15.35 43.86
C GLU C 197 12.17 14.47 43.69
N VAL C 198 12.00 13.52 44.60
CA VAL C 198 10.87 12.63 44.50
C VAL C 198 9.88 12.73 45.65
N THR C 199 8.60 12.75 45.29
CA THR C 199 7.54 12.82 46.27
C THR C 199 6.81 11.49 46.20
N HIS C 200 6.61 10.89 47.36
CA HIS C 200 5.90 9.64 47.40
C HIS C 200 5.29 9.41 48.77
N GLN C 201 4.33 8.51 48.79
CA GLN C 201 3.59 8.17 49.99
C GLN C 201 4.45 7.64 51.13
N GLY C 202 5.44 6.82 50.77
CA GLY C 202 6.34 6.24 51.76
C GLY C 202 7.40 7.23 52.22
N LEU C 203 7.39 8.42 51.65
CA LEU C 203 8.34 9.46 52.03
C LEU C 203 7.62 10.49 52.90
N ARG C 204 8.21 10.81 54.06
CA ARG C 204 7.62 11.77 55.02
C ARG C 204 7.78 13.21 54.52
N SER C 205 8.74 13.40 53.61
CA SER C 205 9.05 14.69 52.98
C SER C 205 9.84 14.23 51.75
N PRO C 206 9.88 15.04 50.68
CA PRO C 206 10.61 14.66 49.46
C PRO C 206 12.10 14.36 49.61
N VAL C 207 12.56 13.38 48.82
CA VAL C 207 13.95 12.96 48.80
C VAL C 207 14.56 13.43 47.49
N THR C 208 15.74 14.03 47.55
CA THR C 208 16.37 14.45 46.32
C THR C 208 17.80 13.91 46.23
N LYS C 209 18.13 13.40 45.05
CA LYS C 209 19.44 12.84 44.74
C LYS C 209 20.02 13.77 43.71
N SER C 210 21.25 14.21 43.92
CA SER C 210 21.84 15.13 42.97
C SER C 210 23.31 14.88 42.83
N PHE C 211 23.93 15.64 41.93
CA PHE C 211 25.35 15.53 41.67
C PHE C 211 25.76 16.81 40.97
N ASN C 212 27.06 17.04 40.94
CA ASN C 212 27.63 18.22 40.30
C ASN C 212 28.42 17.76 39.07
N ARG C 213 28.19 18.40 37.92
CA ARG C 213 28.94 18.02 36.74
C ARG C 213 30.39 18.40 37.01
N ILE D 2 -12.93 -22.16 16.47
CA ILE D 2 -13.06 -20.72 16.13
C ILE D 2 -11.71 -20.02 16.28
N ASN D 3 -11.25 -19.40 15.20
CA ASN D 3 -9.97 -18.73 15.18
C ASN D 3 -10.05 -17.55 14.23
N LEU D 4 -9.33 -16.48 14.56
CA LEU D 4 -9.27 -15.29 13.72
C LEU D 4 -7.79 -14.97 13.52
N VAL D 5 -7.31 -15.06 12.28
CA VAL D 5 -5.90 -14.78 12.04
C VAL D 5 -5.66 -13.46 11.33
N GLU D 6 -4.98 -12.55 12.03
CA GLU D 6 -4.68 -11.23 11.49
C GLU D 6 -3.34 -11.06 10.82
N SER D 7 -3.32 -10.16 9.85
CA SER D 7 -2.12 -9.88 9.08
C SER D 7 -2.26 -8.51 8.39
N GLY D 8 -1.15 -7.95 7.91
CA GLY D 8 -1.19 -6.67 7.22
C GLY D 8 -0.61 -5.50 7.98
N GLY D 9 -0.42 -5.64 9.28
CA GLY D 9 0.14 -4.56 10.07
C GLY D 9 1.55 -4.24 9.62
N GLY D 10 1.99 -3.01 9.87
CA GLY D 10 3.33 -2.63 9.47
C GLY D 10 3.70 -1.21 9.84
N VAL D 11 4.95 -0.88 9.53
CA VAL D 11 5.49 0.43 9.80
C VAL D 11 5.35 1.21 8.50
N VAL D 12 4.78 2.40 8.59
CA VAL D 12 4.53 3.20 7.40
C VAL D 12 4.60 4.70 7.71
N GLN D 13 5.05 5.48 6.73
CA GLN D 13 5.12 6.92 6.93
C GLN D 13 3.71 7.51 6.77
N PRO D 14 3.47 8.73 7.30
CA PRO D 14 2.15 9.36 7.20
C PRO D 14 1.72 9.63 5.75
N GLY D 15 0.43 9.46 5.47
CA GLY D 15 -0.07 9.67 4.11
C GLY D 15 -0.11 8.36 3.33
N ARG D 16 0.62 7.37 3.83
CA ARG D 16 0.70 6.06 3.21
C ARG D 16 -0.54 5.23 3.55
N SER D 17 -0.63 4.04 2.95
CA SER D 17 -1.76 3.15 3.20
C SER D 17 -1.31 1.78 3.71
N LEU D 18 -2.28 1.05 4.27
CA LEU D 18 -2.06 -0.30 4.78
C LEU D 18 -3.38 -1.01 4.62
N ARG D 19 -3.33 -2.31 4.43
CA ARG D 19 -4.54 -3.08 4.32
C ARG D 19 -4.42 -4.24 5.29
N LEU D 20 -5.36 -4.32 6.21
CA LEU D 20 -5.37 -5.37 7.22
C LEU D 20 -6.23 -6.54 6.77
N SER D 21 -5.87 -7.73 7.22
CA SER D 21 -6.58 -8.95 6.89
C SER D 21 -6.83 -9.75 8.16
N CYS D 22 -8.01 -10.32 8.25
CA CYS D 22 -8.42 -11.11 9.39
C CYS D 22 -9.11 -12.34 8.82
N ALA D 23 -8.38 -13.45 8.79
CA ALA D 23 -8.90 -14.70 8.26
C ALA D 23 -9.69 -15.44 9.34
N ALA D 24 -10.86 -15.95 8.99
CA ALA D 24 -11.69 -16.66 9.94
C ALA D 24 -11.91 -18.12 9.58
N SER D 25 -11.99 -18.95 10.61
CA SER D 25 -12.20 -20.39 10.45
C SER D 25 -12.89 -20.91 11.72
N GLY D 26 -13.50 -22.09 11.63
CA GLY D 26 -14.17 -22.67 12.80
C GLY D 26 -15.63 -22.30 13.01
N PHE D 27 -16.16 -21.44 12.16
CA PHE D 27 -17.55 -21.02 12.25
C PHE D 27 -18.00 -20.47 10.90
N THR D 28 -19.30 -20.23 10.76
CA THR D 28 -19.81 -19.71 9.50
C THR D 28 -19.76 -18.18 9.45
N PHE D 29 -18.70 -17.68 8.80
CA PHE D 29 -18.42 -16.25 8.62
C PHE D 29 -19.63 -15.42 8.18
N SER D 30 -20.26 -15.82 7.08
CA SER D 30 -21.43 -15.14 6.54
C SER D 30 -22.58 -14.90 7.52
N ARG D 31 -22.55 -15.58 8.66
CA ARG D 31 -23.61 -15.42 9.66
C ARG D 31 -23.38 -14.28 10.66
N TYR D 32 -22.16 -13.76 10.73
CA TYR D 32 -21.89 -12.72 11.71
C TYR D 32 -21.27 -11.39 11.28
N GLY D 33 -21.67 -10.37 12.02
CA GLY D 33 -21.14 -9.05 11.76
C GLY D 33 -19.72 -9.09 12.28
N MET D 34 -18.81 -8.37 11.63
CA MET D 34 -17.42 -8.37 12.05
C MET D 34 -16.92 -6.95 12.34
N HIS D 35 -16.02 -6.83 13.31
CA HIS D 35 -15.50 -5.52 13.68
C HIS D 35 -14.00 -5.40 13.70
N TRP D 36 -13.58 -4.15 13.78
CA TRP D 36 -12.20 -3.78 13.90
C TRP D 36 -12.22 -2.89 15.11
N VAL D 37 -11.39 -3.22 16.08
CA VAL D 37 -11.30 -2.47 17.30
C VAL D 37 -9.81 -2.23 17.45
N ARG D 38 -9.45 -1.11 18.03
CA ARG D 38 -8.03 -0.88 18.15
C ARG D 38 -7.66 -0.45 19.54
N GLN D 39 -6.36 -0.48 19.79
CA GLN D 39 -5.85 -0.11 21.08
C GLN D 39 -4.55 0.66 20.92
N ALA D 40 -4.62 1.98 21.08
CA ALA D 40 -3.44 2.84 20.98
C ALA D 40 -2.58 2.59 22.22
N PRO D 41 -1.25 2.69 22.10
CA PRO D 41 -0.27 2.48 23.18
C PRO D 41 -0.60 3.18 24.51
N GLY D 42 -0.89 2.38 25.53
CA GLY D 42 -1.23 2.92 26.84
C GLY D 42 -2.70 3.30 27.00
N LYS D 43 -3.47 3.13 25.93
CA LYS D 43 -4.87 3.48 25.98
C LYS D 43 -5.81 2.28 26.01
N GLY D 44 -7.09 2.56 26.21
CA GLY D 44 -8.09 1.52 26.28
C GLY D 44 -8.59 1.09 24.92
N LEU D 45 -9.60 0.23 24.91
CA LEU D 45 -10.15 -0.27 23.67
C LEU D 45 -10.96 0.83 23.02
N GLU D 46 -10.85 0.92 21.71
CA GLU D 46 -11.59 1.92 20.97
C GLU D 46 -12.14 1.27 19.73
N TRP D 47 -13.45 1.38 19.56
CA TRP D 47 -14.12 0.80 18.43
C TRP D 47 -13.74 1.56 17.16
N VAL D 48 -13.68 0.84 16.05
CA VAL D 48 -13.29 1.43 14.78
C VAL D 48 -14.33 1.28 13.67
N ALA D 49 -14.79 0.07 13.43
CA ALA D 49 -15.76 -0.10 12.37
C ALA D 49 -16.44 -1.47 12.38
N VAL D 50 -17.44 -1.60 11.52
CA VAL D 50 -18.18 -2.85 11.45
C VAL D 50 -18.75 -3.06 10.05
N VAL D 51 -18.86 -4.32 9.67
CA VAL D 51 -19.45 -4.65 8.38
C VAL D 51 -20.47 -5.74 8.65
N SER D 52 -21.69 -5.55 8.17
CA SER D 52 -22.76 -6.52 8.33
C SER D 52 -22.35 -7.87 7.74
N SER D 53 -22.99 -8.94 8.21
CA SER D 53 -22.69 -10.30 7.74
C SER D 53 -22.86 -10.47 6.24
N ASP D 54 -23.84 -9.80 5.64
CA ASP D 54 -24.03 -9.93 4.20
C ASP D 54 -22.99 -9.06 3.49
N GLY D 55 -22.28 -8.24 4.26
CA GLY D 55 -21.25 -7.40 3.69
C GLY D 55 -21.67 -6.11 3.00
N ARG D 56 -22.95 -5.75 2.97
CA ARG D 56 -23.29 -4.49 2.28
C ARG D 56 -23.46 -3.27 3.17
N THR D 57 -23.74 -3.42 4.45
CA THR D 57 -23.85 -2.23 5.28
C THR D 57 -22.67 -2.07 6.23
N THR D 58 -22.13 -0.85 6.25
CA THR D 58 -20.95 -0.52 7.06
C THR D 58 -21.12 0.74 7.89
N TYR D 59 -20.34 0.84 8.96
CA TYR D 59 -20.40 2.02 9.82
C TYR D 59 -18.98 2.29 10.29
N TYR D 60 -18.64 3.56 10.44
CA TYR D 60 -17.30 3.94 10.87
C TYR D 60 -17.29 4.95 12.01
N ALA D 61 -16.20 4.94 12.76
CA ALA D 61 -16.02 5.90 13.83
C ALA D 61 -15.76 7.20 13.05
N ASP D 62 -16.04 8.35 13.65
CA ASP D 62 -15.81 9.62 12.97
C ASP D 62 -14.35 9.86 12.65
N SER D 63 -13.48 9.38 13.54
CA SER D 63 -12.03 9.55 13.37
C SER D 63 -11.42 8.88 12.14
N VAL D 64 -12.08 7.87 11.60
CA VAL D 64 -11.57 7.16 10.42
C VAL D 64 -12.44 7.31 9.16
N LYS D 65 -13.66 7.81 9.33
CA LYS D 65 -14.60 7.97 8.22
C LYS D 65 -13.99 8.67 7.00
N GLY D 66 -14.19 8.05 5.85
CA GLY D 66 -13.68 8.58 4.59
C GLY D 66 -12.24 8.20 4.33
N ARG D 67 -11.56 7.73 5.38
CA ARG D 67 -10.17 7.34 5.28
C ARG D 67 -10.00 5.83 5.22
N PHE D 68 -10.79 5.13 6.04
CA PHE D 68 -10.72 3.67 6.10
C PHE D 68 -12.00 3.09 5.55
N THR D 69 -11.89 1.93 4.94
CA THR D 69 -13.10 1.27 4.48
C THR D 69 -12.97 -0.18 4.86
N ILE D 70 -13.98 -0.65 5.57
CA ILE D 70 -14.03 -2.03 6.04
C ILE D 70 -14.81 -2.80 4.99
N SER D 71 -14.49 -4.08 4.85
CA SER D 71 -15.19 -4.91 3.87
C SER D 71 -14.86 -6.36 4.13
N ARG D 72 -15.52 -7.25 3.41
CA ARG D 72 -15.28 -8.66 3.62
C ARG D 72 -15.53 -9.45 2.36
N ASP D 73 -14.96 -10.65 2.34
CA ASP D 73 -15.16 -11.54 1.23
C ASP D 73 -15.54 -12.83 1.95
N ASN D 74 -16.85 -13.12 2.00
CA ASN D 74 -17.35 -14.30 2.70
C ASN D 74 -16.99 -15.65 2.09
N SER D 75 -16.69 -15.70 0.80
CA SER D 75 -16.31 -16.96 0.20
C SER D 75 -14.82 -17.27 0.48
N LYS D 76 -14.16 -16.36 1.20
CA LYS D 76 -12.75 -16.54 1.60
C LYS D 76 -12.69 -16.37 3.13
N ASN D 77 -13.87 -16.18 3.70
CA ASN D 77 -14.01 -16.02 5.14
C ASN D 77 -12.93 -15.07 5.63
N THR D 78 -12.91 -13.87 5.07
CA THR D 78 -11.90 -12.93 5.47
C THR D 78 -12.41 -11.50 5.57
N LEU D 79 -11.95 -10.81 6.59
CA LEU D 79 -12.33 -9.44 6.85
C LEU D 79 -11.13 -8.55 6.49
N TYR D 80 -11.42 -7.37 5.94
CA TYR D 80 -10.38 -6.43 5.56
C TYR D 80 -10.62 -5.03 6.08
N LEU D 81 -9.54 -4.30 6.20
CA LEU D 81 -9.60 -2.93 6.63
C LEU D 81 -8.55 -2.20 5.82
N GLN D 82 -9.02 -1.58 4.75
CA GLN D 82 -8.18 -0.80 3.86
C GLN D 82 -7.96 0.48 4.65
N MET D 83 -6.70 0.78 4.95
CA MET D 83 -6.38 1.98 5.72
C MET D 83 -5.58 3.02 4.93
N ASN D 84 -6.25 4.06 4.48
CA ASN D 84 -5.61 5.11 3.70
C ASN D 84 -5.37 6.40 4.46
N SER D 85 -4.53 7.26 3.88
CA SER D 85 -4.20 8.54 4.48
C SER D 85 -3.91 8.38 5.98
N LEU D 86 -3.01 7.47 6.31
CA LEU D 86 -2.66 7.20 7.71
C LEU D 86 -1.90 8.32 8.41
N ARG D 87 -2.15 8.47 9.71
CA ARG D 87 -1.49 9.47 10.57
C ARG D 87 -0.78 8.77 11.73
N ALA D 88 0.15 9.49 12.37
CA ALA D 88 0.88 8.96 13.52
C ALA D 88 -0.21 8.63 14.54
N GLU D 89 -1.28 9.41 14.48
CA GLU D 89 -2.44 9.27 15.36
C GLU D 89 -2.99 7.85 15.35
N ASP D 90 -2.99 7.25 14.16
CA ASP D 90 -3.50 5.90 13.95
C ASP D 90 -2.70 4.73 14.51
N THR D 91 -1.43 4.91 14.82
CA THR D 91 -0.71 3.75 15.34
C THR D 91 -1.43 3.23 16.58
N ALA D 92 -1.72 1.94 16.52
CA ALA D 92 -2.40 1.24 17.60
C ALA D 92 -2.39 -0.20 17.12
N VAL D 93 -2.78 -1.11 18.00
CA VAL D 93 -2.85 -2.51 17.62
C VAL D 93 -4.28 -2.65 17.17
N PHE D 94 -4.49 -3.22 15.99
CA PHE D 94 -5.83 -3.39 15.49
C PHE D 94 -6.26 -4.83 15.71
N TYR D 95 -7.45 -4.98 16.26
CA TYR D 95 -8.02 -6.27 16.55
C TYR D 95 -9.31 -6.45 15.76
N CYS D 96 -9.47 -7.63 15.18
CA CYS D 96 -10.71 -7.87 14.51
C CYS D 96 -11.48 -8.63 15.58
N ALA D 97 -12.80 -8.58 15.53
CA ALA D 97 -13.57 -9.27 16.52
C ALA D 97 -14.85 -9.78 15.87
N LYS D 98 -15.34 -10.90 16.39
CA LYS D 98 -16.54 -11.50 15.85
C LYS D 98 -17.79 -11.23 16.70
N GLU D 99 -18.90 -10.95 16.04
CA GLU D 99 -20.14 -10.69 16.74
C GLU D 99 -20.58 -11.97 17.45
N GLY D 100 -20.93 -11.84 18.72
CA GLY D 100 -21.32 -12.99 19.51
C GLY D 100 -22.50 -13.79 19.02
N GLY D 101 -22.39 -15.11 19.10
CA GLY D 101 -23.48 -15.94 18.67
C GLY D 101 -24.70 -15.81 19.58
N ASP D 102 -24.51 -15.99 20.88
CA ASP D 102 -25.60 -15.91 21.86
C ASP D 102 -26.12 -14.49 22.02
N ASN D 103 -25.21 -13.53 21.92
CA ASN D 103 -25.52 -12.12 22.03
C ASN D 103 -24.57 -11.39 21.09
N LYS D 104 -25.13 -10.79 20.05
CA LYS D 104 -24.34 -10.08 19.05
C LYS D 104 -23.83 -8.68 19.43
N PHE D 105 -24.17 -8.18 20.62
CA PHE D 105 -23.69 -6.84 21.03
C PHE D 105 -22.42 -7.02 21.82
N SER D 106 -21.94 -8.26 21.86
CA SER D 106 -20.74 -8.59 22.59
C SER D 106 -19.78 -9.21 21.58
N PHE D 107 -18.50 -9.23 21.91
CA PHE D 107 -17.50 -9.80 21.02
C PHE D 107 -16.98 -11.07 21.65
N ASP D 108 -17.29 -12.22 21.04
CA ASP D 108 -16.86 -13.51 21.60
C ASP D 108 -15.48 -14.00 21.16
N TYR D 109 -14.98 -13.55 20.03
CA TYR D 109 -13.66 -13.99 19.60
C TYR D 109 -12.95 -12.80 19.00
N TRP D 110 -11.67 -12.70 19.35
CA TRP D 110 -10.82 -11.62 18.89
C TRP D 110 -9.61 -12.16 18.15
N GLY D 111 -9.09 -11.36 17.22
CA GLY D 111 -7.90 -11.75 16.49
C GLY D 111 -6.75 -11.57 17.47
N GLN D 112 -5.56 -12.06 17.14
CA GLN D 112 -4.43 -11.90 18.05
C GLN D 112 -3.96 -10.44 17.99
N GLY D 113 -4.47 -9.72 17.00
CA GLY D 113 -4.12 -8.34 16.81
C GLY D 113 -2.92 -8.16 15.90
N THR D 114 -2.87 -7.03 15.23
CA THR D 114 -1.76 -6.71 14.35
C THR D 114 -1.45 -5.24 14.54
N LEU D 115 -0.17 -4.94 14.59
CA LEU D 115 0.32 -3.59 14.83
C LEU D 115 0.39 -2.67 13.62
N VAL D 116 -0.01 -1.42 13.82
CA VAL D 116 0.04 -0.42 12.77
C VAL D 116 0.85 0.73 13.36
N THR D 117 1.93 1.09 12.68
CA THR D 117 2.79 2.16 13.15
C THR D 117 2.97 3.19 12.04
N VAL D 118 2.61 4.42 12.36
CA VAL D 118 2.72 5.52 11.41
C VAL D 118 3.77 6.53 11.88
N SER D 119 4.88 6.59 11.15
CA SER D 119 5.95 7.50 11.48
C SER D 119 6.79 7.82 10.26
N SER D 120 7.37 9.01 10.25
CA SER D 120 8.21 9.44 9.15
C SER D 120 9.68 9.20 9.52
N ALA D 121 9.91 8.49 10.61
CA ALA D 121 11.26 8.18 11.04
C ALA D 121 11.71 6.94 10.29
N SER D 122 13.01 6.76 10.19
CA SER D 122 13.51 5.59 9.49
C SER D 122 14.25 4.66 10.43
N THR D 123 14.27 3.39 10.06
CA THR D 123 14.91 2.31 10.80
C THR D 123 16.26 2.74 11.33
N LYS D 124 16.56 2.36 12.56
CA LYS D 124 17.81 2.77 13.14
C LYS D 124 18.18 1.97 14.39
N GLY D 125 19.43 1.54 14.42
CA GLY D 125 19.93 0.79 15.57
C GLY D 125 20.15 1.77 16.71
N PRO D 126 20.06 1.31 17.96
CA PRO D 126 20.25 2.14 19.14
C PRO D 126 21.71 2.28 19.56
N SER D 127 21.98 3.27 20.39
CA SER D 127 23.30 3.49 20.94
C SER D 127 23.04 2.97 22.34
N VAL D 128 24.01 2.31 22.93
CA VAL D 128 23.80 1.78 24.27
C VAL D 128 24.76 2.44 25.22
N PHE D 129 24.24 3.29 26.09
CA PHE D 129 25.09 3.97 27.06
C PHE D 129 24.92 3.33 28.42
N PRO D 130 25.98 3.37 29.25
CA PRO D 130 26.05 2.83 30.61
C PRO D 130 25.46 3.78 31.66
N LEU D 131 24.81 3.20 32.67
CA LEU D 131 24.19 3.93 33.78
C LEU D 131 24.90 3.46 35.04
N ALA D 132 25.71 4.34 35.62
CA ALA D 132 26.47 4.03 36.83
C ALA D 132 26.34 5.18 37.81
N THR D 142 22.21 -1.58 48.58
CA THR D 142 21.27 -0.98 47.66
C THR D 142 21.99 -0.08 46.66
N ALA D 143 22.69 -0.74 45.75
CA ALA D 143 23.45 -0.09 44.70
C ALA D 143 22.77 -0.34 43.35
N ALA D 144 22.84 0.63 42.44
CA ALA D 144 22.20 0.46 41.13
C ALA D 144 23.04 0.81 39.90
N LEU D 145 22.68 0.18 38.78
CA LEU D 145 23.36 0.37 37.50
C LEU D 145 22.45 -0.17 36.39
N GLY D 146 22.85 0.04 35.13
CA GLY D 146 22.08 -0.41 33.97
C GLY D 146 22.59 0.30 32.71
N CYS D 147 21.81 0.33 31.63
CA CYS D 147 22.20 0.96 30.39
C CYS D 147 20.98 1.59 29.75
N LEU D 148 21.24 2.72 29.11
CA LEU D 148 20.28 3.50 28.41
C LEU D 148 20.35 3.04 26.95
N VAL D 149 19.24 2.54 26.44
CA VAL D 149 19.19 2.08 25.05
C VAL D 149 18.48 3.22 24.33
N LYS D 150 19.27 4.19 23.86
CA LYS D 150 18.73 5.38 23.22
C LYS D 150 18.71 5.45 21.69
N ASP D 151 17.77 6.24 21.20
CA ASP D 151 17.54 6.51 19.79
C ASP D 151 17.40 5.36 18.81
N TYR D 152 16.33 4.59 18.94
CA TYR D 152 16.10 3.49 18.01
C TYR D 152 14.73 3.59 17.37
N PHE D 153 14.58 2.93 16.22
CA PHE D 153 13.32 2.89 15.51
C PHE D 153 13.37 1.74 14.51
N PRO D 154 12.30 0.92 14.45
CA PRO D 154 11.12 1.11 15.29
C PRO D 154 11.21 0.15 16.46
N GLU D 155 10.09 -0.06 17.13
CA GLU D 155 10.06 -1.00 18.24
C GLU D 155 10.13 -2.36 17.54
N PRO D 156 10.60 -3.40 18.22
CA PRO D 156 11.03 -3.32 19.62
C PRO D 156 12.49 -3.75 19.78
N VAL D 157 12.98 -3.71 21.01
CA VAL D 157 14.34 -4.13 21.32
C VAL D 157 14.23 -5.05 22.52
N THR D 158 15.17 -5.95 22.70
CA THR D 158 15.12 -6.82 23.87
C THR D 158 16.41 -6.55 24.60
N VAL D 159 16.35 -6.68 25.92
CA VAL D 159 17.50 -6.45 26.77
C VAL D 159 17.53 -7.56 27.79
N SER D 160 18.70 -8.11 28.03
CA SER D 160 18.85 -9.16 29.01
C SER D 160 20.19 -8.87 29.65
N TRP D 161 20.46 -9.50 30.78
CA TRP D 161 21.71 -9.27 31.49
C TRP D 161 22.50 -10.54 31.68
N ASN D 162 23.79 -10.45 31.37
CA ASN D 162 24.69 -11.58 31.47
C ASN D 162 24.11 -12.80 30.74
N SER D 163 23.71 -12.56 29.49
CA SER D 163 23.12 -13.57 28.60
C SER D 163 21.94 -14.36 29.17
N GLY D 164 21.10 -13.69 29.96
CA GLY D 164 19.95 -14.35 30.54
C GLY D 164 20.24 -14.99 31.89
N ALA D 165 21.48 -14.85 32.35
CA ALA D 165 21.91 -15.44 33.63
C ALA D 165 21.45 -14.66 34.85
N LEU D 166 21.47 -13.33 34.78
CA LEU D 166 21.05 -12.49 35.89
C LEU D 166 19.63 -12.03 35.54
N THR D 167 18.71 -12.28 36.45
CA THR D 167 17.31 -11.97 36.20
C THR D 167 16.67 -11.32 37.44
N SER D 168 17.31 -11.47 38.61
CA SER D 168 16.85 -10.91 39.88
C SER D 168 17.25 -9.45 40.06
N GLY D 169 16.27 -8.60 40.35
CA GLY D 169 16.54 -7.18 40.54
C GLY D 169 16.61 -6.40 39.24
N VAL D 170 16.19 -7.02 38.16
CA VAL D 170 16.21 -6.39 36.85
C VAL D 170 14.89 -5.75 36.51
N HIS D 171 14.94 -4.48 36.13
CA HIS D 171 13.76 -3.73 35.74
C HIS D 171 14.04 -3.12 34.37
N THR D 172 13.40 -3.67 33.36
CA THR D 172 13.53 -3.18 31.99
C THR D 172 12.27 -2.38 31.71
N PHE D 173 12.40 -1.07 31.70
CA PHE D 173 11.28 -0.17 31.50
C PHE D 173 10.66 -0.12 30.12
N PRO D 174 9.37 0.22 30.05
CA PRO D 174 8.68 0.29 28.75
C PRO D 174 9.39 1.37 27.93
N ALA D 175 9.38 1.25 26.62
CA ALA D 175 10.02 2.25 25.80
C ALA D 175 9.20 3.53 25.79
N VAL D 176 9.88 4.63 25.53
CA VAL D 176 9.30 5.95 25.51
C VAL D 176 9.63 6.58 24.14
N LEU D 177 8.61 7.11 23.47
CA LEU D 177 8.78 7.76 22.18
C LEU D 177 9.13 9.24 22.32
N GLN D 178 10.39 9.57 22.07
CA GLN D 178 10.87 10.94 22.14
C GLN D 178 10.31 11.75 20.97
N SER D 179 10.49 13.06 20.98
CA SER D 179 10.00 13.93 19.91
C SER D 179 10.82 13.85 18.62
N SER D 180 11.90 13.08 18.66
CA SER D 180 12.74 12.91 17.48
C SER D 180 12.06 11.85 16.61
N GLY D 181 11.06 11.21 17.20
CA GLY D 181 10.32 10.17 16.52
C GLY D 181 10.96 8.83 16.82
N LEU D 182 12.09 8.87 17.51
CA LEU D 182 12.81 7.67 17.87
C LEU D 182 12.55 7.27 19.32
N TYR D 183 12.63 5.98 19.59
CA TYR D 183 12.40 5.48 20.93
C TYR D 183 13.67 5.41 21.73
N SER D 184 13.50 5.16 23.01
CA SER D 184 14.62 5.09 23.94
C SER D 184 14.12 4.38 25.17
N LEU D 185 14.88 3.44 25.70
CA LEU D 185 14.43 2.78 26.90
C LEU D 185 15.58 2.51 27.86
N SER D 186 15.22 2.26 29.11
CA SER D 186 16.18 1.99 30.17
C SER D 186 15.99 0.62 30.81
N SER D 187 17.10 0.02 31.20
CA SER D 187 17.07 -1.29 31.84
C SER D 187 18.08 -1.21 32.98
N VAL D 188 17.64 -1.47 34.20
CA VAL D 188 18.53 -1.39 35.34
C VAL D 188 18.55 -2.66 36.17
N VAL D 189 19.52 -2.72 37.08
CA VAL D 189 19.69 -3.84 38.00
C VAL D 189 20.26 -3.31 39.30
N THR D 190 19.67 -3.72 40.42
CA THR D 190 20.17 -3.31 41.72
C THR D 190 20.86 -4.57 42.23
N VAL D 191 22.07 -4.39 42.74
CA VAL D 191 22.86 -5.51 43.22
C VAL D 191 23.31 -5.21 44.64
N PRO D 192 22.71 -5.91 45.62
CA PRO D 192 23.03 -5.74 47.04
C PRO D 192 24.42 -5.19 47.36
N GLN D 199 32.07 -9.05 40.84
CA GLN D 199 31.55 -9.73 39.66
C GLN D 199 31.22 -8.74 38.52
N THR D 200 30.87 -9.27 37.34
CA THR D 200 30.59 -8.47 36.13
C THR D 200 29.11 -8.28 35.70
N TYR D 201 28.83 -7.14 35.06
CA TYR D 201 27.48 -6.80 34.60
C TYR D 201 27.48 -6.33 33.14
N THR D 202 26.64 -6.96 32.31
CA THR D 202 26.60 -6.70 30.88
C THR D 202 25.21 -6.57 30.23
N CYS D 203 25.04 -5.55 29.41
CA CYS D 203 23.78 -5.34 28.74
C CYS D 203 23.72 -6.05 27.40
N ASN D 204 22.78 -6.97 27.30
CA ASN D 204 22.63 -7.69 26.05
C ASN D 204 21.50 -7.03 25.30
N VAL D 205 21.83 -6.16 24.35
CA VAL D 205 20.81 -5.49 23.60
C VAL D 205 20.73 -6.02 22.18
N ASP D 206 19.51 -6.27 21.73
CA ASP D 206 19.25 -6.80 20.41
C ASP D 206 18.08 -6.01 19.76
N HIS D 207 18.35 -5.43 18.59
CA HIS D 207 17.33 -4.66 17.86
C HIS D 207 17.22 -5.23 16.45
N LYS D 208 16.42 -6.29 16.39
CA LYS D 208 16.15 -7.05 15.19
C LYS D 208 15.94 -6.30 13.87
N PRO D 209 15.06 -5.28 13.85
CA PRO D 209 14.72 -4.44 12.69
C PRO D 209 15.88 -3.80 11.93
N SER D 210 17.01 -3.61 12.60
CA SER D 210 18.15 -2.96 11.97
C SER D 210 19.42 -3.78 12.11
N ASN D 211 19.28 -5.00 12.62
CA ASN D 211 20.42 -5.89 12.78
C ASN D 211 21.49 -5.22 13.64
N THR D 212 21.07 -4.80 14.82
CA THR D 212 21.99 -4.19 15.75
C THR D 212 21.97 -5.11 16.94
N LYS D 213 23.15 -5.50 17.35
CA LYS D 213 23.31 -6.38 18.49
C LYS D 213 24.53 -5.85 19.20
N VAL D 214 24.34 -5.47 20.46
CA VAL D 214 25.40 -4.90 21.25
C VAL D 214 25.45 -5.47 22.68
N ASP D 215 26.66 -5.79 23.14
CA ASP D 215 26.85 -6.29 24.50
C ASP D 215 27.67 -5.25 25.24
N LYS D 216 26.99 -4.55 26.13
CA LYS D 216 27.59 -3.48 26.91
C LYS D 216 27.85 -3.84 28.38
N THR D 217 29.11 -4.07 28.72
CA THR D 217 29.53 -4.39 30.09
C THR D 217 29.59 -3.04 30.80
N VAL D 218 28.90 -2.95 31.92
CA VAL D 218 28.82 -1.71 32.69
C VAL D 218 29.86 -1.51 33.79
#